data_5LNR
#
_entry.id   5LNR
#
_cell.length_a   178.560
_cell.length_b   178.560
_cell.length_c   116.881
_cell.angle_alpha   90.000
_cell.angle_beta   90.000
_cell.angle_gamma   120.000
#
_symmetry.space_group_name_H-M   'H 3'
#
loop_
_entity.id
_entity.type
_entity.pdbx_description
1 polymer "Pyridoxal 5'-phosphate synthase subunit PDX1.3"
2 non-polymer "PYRIDOXAL-5'-PHOSPHATE"
3 non-polymer GLYCEROL
4 water water
#
_entity_poly.entity_id   1
_entity_poly.type   'polypeptide(L)'
_entity_poly.pdbx_seq_one_letter_code
;MEGTGVVAVYGNGAITEAKKSPFSVKVGLAQMLRGGVIMDVVNAEQARIAEEAGACAVMALERVPADIRAQGGVARMSDP
QMIKEIKQAVTIPVMAKARIGHFVEAQILEAIGIDYIDESEVLTLADEDHHINKHNFRIPFVCGCRNLGEALRRIREGAA
MIRTKGEAGTGNIIEAVRHVRSVNGDIRVLRNMDDDEVFTFAKKLAAPYDLVMQTKQLGRLPVVQFAAGGVATPADAALM
MQLGCDGVFVGSGIFKSGDPARRARAIVQAVTHYSDPEMLVEVSCGLGEAMVGINLNDEKVERFANRSEEHHHHHH
;
_entity_poly.pdbx_strand_id   A,B,C,D
#
loop_
_chem_comp.id
_chem_comp.type
_chem_comp.name
_chem_comp.formula
GOL non-polymer GLYCEROL 'C3 H8 O3'
PLP non-polymer PYRIDOXAL-5'-PHOSPHATE 'C8 H10 N O6 P'
#
# COMPACT_ATOMS: atom_id res chain seq x y z
N SER A 21 2.29 5.51 33.71
CA SER A 21 2.66 6.82 33.19
C SER A 21 1.47 7.75 33.18
N PRO A 22 1.72 9.06 33.30
CA PRO A 22 0.60 10.01 33.16
C PRO A 22 -0.15 9.87 31.86
N PHE A 23 0.57 9.61 30.76
CA PHE A 23 -0.11 9.44 29.47
C PHE A 23 -1.04 8.24 29.49
N SER A 24 -0.59 7.12 30.06
CA SER A 24 -1.43 5.93 30.06
C SER A 24 -2.70 6.14 30.87
N VAL A 25 -2.64 6.98 31.91
CA VAL A 25 -3.84 7.28 32.69
C VAL A 25 -4.85 8.06 31.85
N LYS A 26 -4.36 9.05 31.09
CA LYS A 26 -5.25 9.79 30.20
C LYS A 26 -5.85 8.89 29.13
N VAL A 27 -5.03 8.02 28.53
CA VAL A 27 -5.51 7.09 27.52
C VAL A 27 -6.56 6.17 28.11
N GLY A 28 -6.34 5.72 29.36
CA GLY A 28 -7.30 4.83 29.99
C GLY A 28 -8.62 5.52 30.30
N LEU A 29 -8.56 6.79 30.69
CA LEU A 29 -9.78 7.52 31.01
C LEU A 29 -10.72 7.59 29.82
N ALA A 30 -10.19 7.82 28.62
CA ALA A 30 -11.01 7.97 27.43
C ALA A 30 -11.74 6.69 27.05
N GLN A 31 -11.32 5.54 27.58
CA GLN A 31 -12.01 4.29 27.27
C GLN A 31 -13.49 4.34 27.66
N MET A 32 -13.84 5.16 28.65
N MET A 32 -13.84 5.16 28.65
CA MET A 32 -15.24 5.25 29.07
CA MET A 32 -15.24 5.25 29.07
C MET A 32 -16.14 5.76 27.95
C MET A 32 -16.15 5.76 27.96
N LEU A 33 -15.58 6.44 26.95
CA LEU A 33 -16.38 7.00 25.87
C LEU A 33 -16.75 5.98 24.80
N ARG A 34 -16.16 4.79 24.83
N ARG A 34 -16.17 4.78 24.83
CA ARG A 34 -16.46 3.79 23.80
CA ARG A 34 -16.45 3.78 23.80
C ARG A 34 -17.95 3.50 23.77
C ARG A 34 -17.94 3.44 23.77
N GLY A 35 -18.49 3.37 22.55
CA GLY A 35 -19.91 3.16 22.38
C GLY A 35 -20.76 4.41 22.46
N GLY A 36 -20.13 5.59 22.47
CA GLY A 36 -20.83 6.83 22.75
C GLY A 36 -20.89 7.79 21.58
N VAL A 37 -21.78 8.77 21.73
CA VAL A 37 -21.95 9.89 20.80
C VAL A 37 -21.60 11.17 21.55
N ILE A 38 -20.77 12.02 20.93
CA ILE A 38 -20.40 13.32 21.47
C ILE A 38 -21.09 14.37 20.62
N MET A 39 -21.79 15.31 21.26
CA MET A 39 -22.63 16.27 20.56
C MET A 39 -22.15 17.70 20.78
N ASP A 40 -22.05 18.46 19.69
CA ASP A 40 -21.80 19.90 19.78
C ASP A 40 -23.01 20.58 20.41
N VAL A 41 -22.77 21.47 21.37
CA VAL A 41 -23.84 22.23 22.02
C VAL A 41 -23.38 23.68 22.16
N VAL A 42 -24.32 24.61 21.94
CA VAL A 42 -23.99 26.04 21.99
C VAL A 42 -24.53 26.72 23.24
N ASN A 43 -25.27 26.03 24.09
CA ASN A 43 -25.76 26.61 25.33
C ASN A 43 -26.15 25.50 26.29
N ALA A 44 -26.59 25.90 27.48
CA ALA A 44 -26.91 24.93 28.53
C ALA A 44 -28.14 24.11 28.18
N GLU A 45 -29.12 24.72 27.52
CA GLU A 45 -30.32 23.98 27.12
C GLU A 45 -29.98 22.84 26.18
N GLN A 46 -29.15 23.10 25.17
CA GLN A 46 -28.74 22.04 24.25
C GLN A 46 -27.93 20.97 24.98
N ALA A 47 -27.09 21.40 25.93
CA ALA A 47 -26.30 20.43 26.70
C ALA A 47 -27.21 19.48 27.48
N ARG A 48 -28.28 20.02 28.09
N ARG A 48 -28.28 20.02 28.09
CA ARG A 48 -29.20 19.18 28.84
CA ARG A 48 -29.19 19.16 28.84
C ARG A 48 -29.91 18.19 27.91
C ARG A 48 -29.94 18.20 27.93
N ILE A 49 -30.32 18.65 26.72
CA ILE A 49 -30.97 17.76 25.77
C ILE A 49 -30.02 16.64 25.36
N ALA A 50 -28.75 16.97 25.13
CA ALA A 50 -27.77 15.96 24.75
C ALA A 50 -27.62 14.91 25.85
N GLU A 51 -27.47 15.35 27.10
CA GLU A 51 -27.33 14.40 28.20
C GLU A 51 -28.58 13.55 28.35
N GLU A 52 -29.76 14.17 28.28
CA GLU A 52 -31.00 13.41 28.44
C GLU A 52 -31.20 12.41 27.31
N ALA A 53 -30.66 12.70 26.13
CA ALA A 53 -30.73 11.79 25.00
C ALA A 53 -29.73 10.65 25.08
N GLY A 54 -28.81 10.68 26.03
CA GLY A 54 -27.84 9.62 26.19
C GLY A 54 -26.47 9.88 25.62
N ALA A 55 -26.14 11.13 25.26
CA ALA A 55 -24.79 11.44 24.81
C ALA A 55 -23.77 11.05 25.88
N CYS A 56 -22.58 10.66 25.43
CA CYS A 56 -21.51 10.32 26.37
C CYS A 56 -20.69 11.53 26.80
N ALA A 57 -20.79 12.63 26.05
CA ALA A 57 -20.08 13.87 26.36
C ALA A 57 -20.67 14.95 25.45
N VAL A 58 -20.37 16.21 25.77
CA VAL A 58 -20.76 17.33 24.92
C VAL A 58 -19.52 18.14 24.56
N MET A 59 -19.62 18.83 23.44
CA MET A 59 -18.56 19.70 22.91
C MET A 59 -19.12 21.12 22.96
N ALA A 60 -18.60 21.94 23.87
CA ALA A 60 -19.07 23.31 24.02
C ALA A 60 -18.44 24.19 22.96
N LEU A 61 -19.26 24.93 22.23
CA LEU A 61 -18.74 25.87 21.24
C LEU A 61 -19.77 26.97 20.99
N GLU A 62 -19.28 28.21 20.92
N GLU A 62 -19.25 28.17 20.71
CA GLU A 62 -20.18 29.36 21.06
CA GLU A 62 -20.11 29.27 20.27
C GLU A 62 -20.89 29.69 19.76
C GLU A 62 -20.49 29.14 18.80
N ARG A 63 -20.17 29.67 18.65
N ARG A 63 -19.50 29.08 17.91
CA ARG A 63 -20.75 29.89 17.33
CA ARG A 63 -19.73 29.06 16.47
C ARG A 63 -20.22 28.80 16.40
C ARG A 63 -19.53 27.66 15.90
N VAL A 64 -20.91 28.60 15.30
N VAL A 64 -20.45 27.26 15.03
CA VAL A 64 -20.45 27.68 14.27
CA VAL A 64 -20.47 25.90 14.49
C VAL A 64 -19.23 28.29 13.59
C VAL A 64 -19.81 25.87 13.12
N PRO A 65 -18.08 27.64 13.64
N PRO A 65 -19.27 24.72 12.68
CA PRO A 65 -16.87 28.24 13.03
CA PRO A 65 -18.55 24.69 11.39
C PRO A 65 -16.97 28.46 11.53
C PRO A 65 -19.38 25.14 10.20
N ALA A 66 -17.83 27.71 10.84
N ALA A 66 -20.68 24.81 10.17
CA ALA A 66 -18.02 27.95 9.41
CA ALA A 66 -21.53 25.25 9.08
C ALA A 66 -18.72 29.28 9.16
C ALA A 66 -21.57 26.77 8.97
N ASP A 67 -19.74 29.60 9.96
N ASP A 67 -21.50 27.46 10.11
CA ASP A 67 -20.43 30.88 9.81
CA ASP A 67 -21.46 28.93 10.11
C ASP A 67 -19.53 32.04 10.22
C ASP A 67 -20.06 29.48 9.88
N ILE A 68 -18.62 31.83 11.17
N ILE A 68 -19.02 28.72 10.23
CA ILE A 68 -17.63 32.84 11.49
CA ILE A 68 -17.65 29.19 10.00
C ILE A 68 -16.70 33.07 10.30
C ILE A 68 -17.34 29.23 8.51
N ARG A 69 -16.23 31.98 9.70
N ARG A 69 -17.74 28.19 7.77
CA ARG A 69 -15.36 32.10 8.53
CA ARG A 69 -17.50 28.19 6.32
C ARG A 69 -16.12 32.67 7.34
C ARG A 69 -18.30 29.29 5.63
N ALA A 70 -17.37 32.25 7.14
N ALA A 70 -19.52 29.54 6.10
CA ALA A 70 -18.18 32.80 6.06
CA ALA A 70 -20.39 30.52 5.44
C ALA A 70 -18.40 34.30 6.24
C ALA A 70 -19.95 31.94 5.76
N GLN A 71 -18.39 34.78 7.48
N GLN A 71 -19.94 32.30 7.05
CA GLN A 71 -18.43 36.21 7.77
CA GLN A 71 -19.67 33.69 7.43
C GLN A 71 -17.05 36.87 7.68
C GLN A 71 -18.19 34.04 7.25
N GLY A 72 -16.06 36.18 7.09
N GLY A 72 -17.30 33.10 7.54
CA GLY A 72 -14.73 36.72 6.98
CA GLY A 72 -15.89 33.40 7.50
C GLY A 72 -14.08 36.97 8.34
C GLY A 72 -15.42 34.05 8.79
N GLY A 73 -14.17 35.98 9.23
N GLY A 73 -14.26 34.69 8.71
CA GLY A 73 -13.69 36.14 10.59
CA GLY A 73 -13.67 35.32 9.88
C GLY A 73 -12.71 35.04 10.97
C GLY A 73 -12.93 34.35 10.77
N VAL A 74 -12.23 35.14 12.21
N VAL A 74 -12.22 34.91 11.74
CA VAL A 74 -11.30 34.17 12.79
CA VAL A 74 -11.39 34.12 12.65
C VAL A 74 -12.03 33.43 13.90
C VAL A 74 -12.27 33.40 13.65
N ALA A 75 -12.04 32.10 13.83
CA ALA A 75 -12.76 31.26 14.78
C ALA A 75 -11.78 30.80 15.86
N ARG A 76 -12.06 31.15 17.12
CA ARG A 76 -11.12 30.97 18.22
C ARG A 76 -11.77 30.12 19.32
N MET A 77 -11.00 29.93 20.39
CA MET A 77 -11.53 29.41 21.65
C MET A 77 -12.80 30.19 22.03
N SER A 78 -13.79 29.47 22.54
CA SER A 78 -15.02 30.11 22.98
C SER A 78 -14.78 30.85 24.30
N ASP A 79 -15.68 31.79 24.61
CA ASP A 79 -15.63 32.54 25.85
C ASP A 79 -15.71 31.59 27.04
N PRO A 80 -14.76 31.64 27.98
CA PRO A 80 -14.84 30.76 29.16
C PRO A 80 -16.18 30.81 29.87
N GLN A 81 -16.88 31.95 29.83
CA GLN A 81 -18.16 32.06 30.52
C GLN A 81 -19.18 31.08 29.95
N MET A 82 -19.28 31.00 28.62
CA MET A 82 -20.26 30.09 28.04
C MET A 82 -19.86 28.63 28.26
N ILE A 83 -18.55 28.36 28.31
CA ILE A 83 -18.08 27.00 28.55
C ILE A 83 -18.42 26.57 29.96
N LYS A 84 -18.23 27.46 30.93
N LYS A 84 -18.21 27.46 30.94
CA LYS A 84 -18.53 27.13 32.32
CA LYS A 84 -18.53 27.14 32.33
C LYS A 84 -20.02 26.88 32.53
C LYS A 84 -20.02 26.86 32.50
N GLU A 85 -20.86 27.65 31.83
CA GLU A 85 -22.31 27.45 31.94
C GLU A 85 -22.71 26.06 31.45
N ILE A 86 -22.04 25.57 30.40
CA ILE A 86 -22.33 24.22 29.91
C ILE A 86 -21.82 23.17 30.90
N LYS A 87 -20.61 23.37 31.43
CA LYS A 87 -20.03 22.43 32.37
C LYS A 87 -20.90 22.31 33.62
N GLN A 88 -21.46 23.42 34.10
CA GLN A 88 -22.30 23.39 35.28
C GLN A 88 -23.68 22.78 35.00
N ALA A 89 -24.06 22.62 33.74
CA ALA A 89 -25.40 22.14 33.42
C ALA A 89 -25.50 20.63 33.26
N VAL A 90 -24.38 19.91 33.15
CA VAL A 90 -24.39 18.49 32.87
C VAL A 90 -23.41 17.76 33.77
N THR A 91 -23.61 16.44 33.89
N THR A 91 -23.63 16.45 33.89
CA THR A 91 -22.71 15.58 34.63
CA THR A 91 -22.72 15.57 34.62
C THR A 91 -21.79 14.75 33.74
C THR A 91 -21.73 14.87 33.72
N ILE A 92 -22.08 14.67 32.44
CA ILE A 92 -21.21 13.97 31.49
C ILE A 92 -20.01 14.86 31.18
N PRO A 93 -18.91 14.31 30.65
CA PRO A 93 -17.73 15.14 30.37
C PRO A 93 -18.02 16.24 29.35
N VAL A 94 -17.27 17.33 29.46
CA VAL A 94 -17.39 18.47 28.57
C VAL A 94 -16.05 18.68 27.88
N MET A 95 -16.08 18.79 26.55
CA MET A 95 -14.92 19.14 25.75
C MET A 95 -15.10 20.54 25.19
N ALA A 96 -13.96 21.17 24.84
CA ALA A 96 -13.99 22.45 24.14
C ALA A 96 -12.76 22.53 23.23
N LYS A 97 -12.84 23.42 22.24
CA LYS A 97 -11.84 23.48 21.18
C LYS A 97 -10.78 24.56 21.43
N ALA A 98 -9.54 24.23 21.07
CA ALA A 98 -8.46 25.20 20.96
C ALA A 98 -7.92 25.20 19.54
N ARG A 99 -7.45 26.36 19.08
CA ARG A 99 -6.84 26.42 17.76
C ARG A 99 -5.55 25.60 17.73
N ILE A 100 -5.26 25.01 16.57
CA ILE A 100 -4.05 24.21 16.40
C ILE A 100 -2.84 25.07 16.72
N GLY A 101 -1.99 24.57 17.64
CA GLY A 101 -0.80 25.28 18.07
C GLY A 101 -1.02 26.34 19.13
N HIS A 102 -2.26 26.64 19.49
CA HIS A 102 -2.50 27.73 20.45
C HIS A 102 -2.47 27.15 21.86
N PHE A 103 -1.24 26.97 22.37
CA PHE A 103 -1.12 26.34 23.69
C PHE A 103 -1.65 27.20 24.82
N VAL A 104 -1.77 28.52 24.63
CA VAL A 104 -2.34 29.35 25.70
C VAL A 104 -3.84 29.21 25.76
N GLU A 105 -4.52 29.10 24.60
CA GLU A 105 -5.94 28.76 24.64
C GLU A 105 -6.15 27.47 25.44
N ALA A 106 -5.26 26.49 25.24
CA ALA A 106 -5.40 25.23 25.97
C ALA A 106 -5.15 25.40 27.46
N GLN A 107 -4.20 26.27 27.84
CA GLN A 107 -3.97 26.54 29.26
C GLN A 107 -5.22 27.12 29.91
N ILE A 108 -5.92 28.00 29.19
CA ILE A 108 -7.14 28.61 29.72
C ILE A 108 -8.24 27.56 29.86
N LEU A 109 -8.44 26.75 28.82
CA LEU A 109 -9.44 25.70 28.88
C LEU A 109 -9.19 24.75 30.04
N GLU A 110 -7.93 24.35 30.23
CA GLU A 110 -7.60 23.47 31.34
C GLU A 110 -7.95 24.11 32.67
N ALA A 111 -7.65 25.40 32.82
CA ALA A 111 -7.93 26.12 34.06
C ALA A 111 -9.42 26.30 34.33
N ILE A 112 -10.26 26.21 33.29
CA ILE A 112 -11.72 26.25 33.46
C ILE A 112 -12.20 25.01 34.19
N GLY A 113 -11.49 23.89 34.07
CA GLY A 113 -11.92 22.65 34.68
C GLY A 113 -12.75 21.76 33.80
N ILE A 114 -12.65 21.89 32.48
CA ILE A 114 -13.36 20.96 31.59
C ILE A 114 -12.59 19.66 31.50
N ASP A 115 -13.12 18.72 30.72
CA ASP A 115 -12.63 17.35 30.76
C ASP A 115 -11.67 16.98 29.63
N TYR A 116 -11.87 17.53 28.43
CA TYR A 116 -11.01 17.28 27.29
C TYR A 116 -10.86 18.56 26.49
N ILE A 117 -9.70 18.70 25.83
CA ILE A 117 -9.49 19.75 24.83
C ILE A 117 -9.41 19.10 23.47
N ASP A 118 -10.16 19.63 22.50
CA ASP A 118 -10.07 19.21 21.11
C ASP A 118 -9.22 20.26 20.38
N GLU A 119 -8.00 19.86 19.99
CA GLU A 119 -7.13 20.74 19.20
C GLU A 119 -7.63 20.61 17.77
N SER A 120 -8.34 21.63 17.28
CA SER A 120 -9.29 21.44 16.20
C SER A 120 -8.99 22.30 14.99
N GLU A 121 -8.87 21.64 13.83
CA GLU A 121 -8.77 22.28 12.52
C GLU A 121 -10.07 22.97 12.11
N VAL A 122 -11.15 22.79 12.86
CA VAL A 122 -12.39 23.50 12.59
C VAL A 122 -12.26 24.98 12.97
N LEU A 123 -11.47 25.28 13.99
CA LEU A 123 -11.11 26.66 14.28
C LEU A 123 -9.98 27.09 13.35
N THR A 124 -9.69 28.40 13.37
CA THR A 124 -8.66 28.94 12.50
C THR A 124 -7.28 28.51 13.00
N LEU A 125 -6.47 27.98 12.10
CA LEU A 125 -5.12 27.56 12.43
C LEU A 125 -4.34 28.72 13.03
N ALA A 126 -3.68 28.47 14.18
CA ALA A 126 -2.87 29.50 14.83
C ALA A 126 -1.37 29.32 14.65
N ASP A 127 -0.91 28.11 14.38
CA ASP A 127 0.50 27.82 14.11
C ASP A 127 0.53 26.88 12.91
N GLU A 128 1.10 27.36 11.80
CA GLU A 128 1.08 26.59 10.57
C GLU A 128 2.00 25.37 10.63
N ASP A 129 3.02 25.39 11.49
CA ASP A 129 4.06 24.37 11.46
C ASP A 129 4.08 23.42 12.65
N HIS A 130 3.42 23.77 13.77
CA HIS A 130 3.52 22.97 14.98
C HIS A 130 2.17 22.88 15.67
N HIS A 131 1.86 21.70 16.23
CA HIS A 131 0.73 21.49 17.11
C HIS A 131 1.17 21.73 18.56
N ILE A 132 0.18 21.76 19.47
CA ILE A 132 0.43 21.91 20.90
C ILE A 132 1.20 20.71 21.43
N ASN A 133 2.17 20.97 22.32
CA ASN A 133 2.86 19.91 23.07
C ASN A 133 1.91 19.48 24.17
N LYS A 134 1.13 18.45 23.87
CA LYS A 134 0.01 18.08 24.74
C LYS A 134 0.48 17.32 25.98
N HIS A 135 1.69 16.77 25.96
CA HIS A 135 2.24 16.13 27.16
C HIS A 135 2.47 17.13 28.29
N ASN A 136 2.50 18.43 27.99
CA ASN A 136 2.69 19.45 29.02
C ASN A 136 1.45 19.68 29.87
N PHE A 137 0.34 19.01 29.58
CA PHE A 137 -0.93 19.31 30.21
C PHE A 137 -1.39 18.13 31.07
N ARG A 138 -2.22 18.45 32.07
N ARG A 138 -2.21 18.44 32.08
CA ARG A 138 -2.87 17.40 32.85
CA ARG A 138 -2.86 17.40 32.86
C ARG A 138 -4.12 16.89 32.15
C ARG A 138 -4.13 16.90 32.17
N ILE A 139 -4.84 17.78 31.48
CA ILE A 139 -6.10 17.46 30.81
C ILE A 139 -5.82 16.66 29.54
N PRO A 140 -6.63 15.63 29.22
CA PRO A 140 -6.43 14.90 27.95
C PRO A 140 -6.90 15.69 26.75
N PHE A 141 -6.29 15.39 25.60
CA PHE A 141 -6.61 16.02 24.32
C PHE A 141 -7.16 15.00 23.34
N VAL A 142 -8.10 15.47 22.52
N VAL A 142 -8.08 15.46 22.49
CA VAL A 142 -8.49 14.81 21.27
CA VAL A 142 -8.46 14.73 21.28
C VAL A 142 -7.82 15.56 20.13
C VAL A 142 -7.96 15.53 20.08
N CYS A 143 -7.36 14.83 19.12
CA CYS A 143 -6.87 15.43 17.89
C CYS A 143 -7.47 14.69 16.70
N GLY A 144 -7.52 15.39 15.57
CA GLY A 144 -7.99 14.79 14.33
C GLY A 144 -6.87 14.15 13.53
N CYS A 145 -7.29 13.40 12.49
CA CYS A 145 -6.33 12.80 11.58
C CYS A 145 -7.06 12.44 10.29
N ARG A 146 -6.26 12.27 9.24
CA ARG A 146 -6.76 11.82 7.96
C ARG A 146 -6.08 10.53 7.48
N ASN A 147 -5.03 10.09 8.17
CA ASN A 147 -4.28 8.91 7.81
C ASN A 147 -3.50 8.47 9.04
N LEU A 148 -2.82 7.33 8.93
CA LEU A 148 -2.13 6.76 10.09
C LEU A 148 -0.95 7.63 10.51
N GLY A 149 -0.25 8.24 9.56
CA GLY A 149 0.86 9.10 9.94
C GLY A 149 0.43 10.26 10.82
N GLU A 150 -0.66 10.94 10.43
CA GLU A 150 -1.17 12.03 11.25
C GLU A 150 -1.62 11.52 12.62
N ALA A 151 -2.33 10.38 12.65
CA ALA A 151 -2.79 9.86 13.93
C ALA A 151 -1.62 9.62 14.88
N LEU A 152 -0.56 8.97 14.38
CA LEU A 152 0.55 8.61 15.24
C LEU A 152 1.37 9.83 15.65
N ARG A 153 1.49 10.83 14.77
CA ARG A 153 2.18 12.06 15.15
C ARG A 153 1.41 12.80 16.26
N ARG A 154 0.08 12.88 16.13
CA ARG A 154 -0.71 13.53 17.19
C ARG A 154 -0.57 12.78 18.51
N ILE A 155 -0.60 11.44 18.45
CA ILE A 155 -0.42 10.65 19.67
C ILE A 155 0.94 10.91 20.30
N ARG A 156 2.00 10.98 19.49
CA ARG A 156 3.33 11.20 20.07
C ARG A 156 3.43 12.57 20.71
N GLU A 157 2.73 13.56 20.16
CA GLU A 157 2.66 14.88 20.79
C GLU A 157 1.84 14.85 22.08
N GLY A 158 1.10 13.78 22.34
CA GLY A 158 0.39 13.62 23.59
C GLY A 158 -1.12 13.49 23.51
N ALA A 159 -1.69 13.39 22.31
CA ALA A 159 -3.13 13.19 22.20
C ALA A 159 -3.51 11.86 22.84
N ALA A 160 -4.55 11.89 23.68
CA ALA A 160 -5.04 10.69 24.35
C ALA A 160 -6.22 10.05 23.63
N MET A 161 -6.69 10.65 22.54
CA MET A 161 -7.85 10.20 21.80
C MET A 161 -7.75 10.79 20.40
N ILE A 162 -8.22 10.04 19.41
CA ILE A 162 -8.12 10.44 18.00
C ILE A 162 -9.51 10.43 17.39
N ARG A 163 -9.77 11.38 16.50
CA ARG A 163 -10.96 11.37 15.66
C ARG A 163 -10.53 11.58 14.22
N THR A 164 -11.38 11.18 13.28
CA THR A 164 -11.13 11.58 11.90
C THR A 164 -11.38 13.08 11.77
N LYS A 165 -10.81 13.69 10.74
CA LYS A 165 -11.17 15.10 10.41
C LYS A 165 -12.47 15.11 9.65
N GLY A 166 -12.70 14.11 8.82
CA GLY A 166 -13.87 14.15 7.96
C GLY A 166 -13.96 15.45 7.17
N GLU A 167 -15.18 15.95 6.99
CA GLU A 167 -15.43 17.20 6.31
C GLU A 167 -16.39 18.02 7.18
N ALA A 168 -15.96 19.20 7.60
CA ALA A 168 -16.75 20.00 8.52
C ALA A 168 -17.79 20.82 7.78
N GLY A 169 -18.94 21.01 8.44
CA GLY A 169 -19.98 21.90 7.95
C GLY A 169 -20.65 21.52 6.64
N THR A 170 -20.70 20.23 6.31
CA THR A 170 -21.35 19.85 5.06
C THR A 170 -22.39 18.75 5.22
N GLY A 171 -22.25 17.91 6.24
CA GLY A 171 -23.11 16.75 6.33
C GLY A 171 -22.79 15.64 5.37
N ASN A 172 -21.64 15.72 4.68
CA ASN A 172 -21.21 14.72 3.70
C ASN A 172 -20.22 13.79 4.38
N ILE A 173 -20.55 12.49 4.41
CA ILE A 173 -19.75 11.49 5.11
C ILE A 173 -18.53 11.02 4.32
N ILE A 174 -18.38 11.44 3.06
CA ILE A 174 -17.39 10.80 2.18
C ILE A 174 -15.97 10.94 2.72
N GLU A 175 -15.63 12.09 3.30
CA GLU A 175 -14.25 12.27 3.77
C GLU A 175 -13.99 11.46 5.03
N ALA A 176 -14.97 11.36 5.93
CA ALA A 176 -14.81 10.51 7.12
C ALA A 176 -14.62 9.06 6.73
N VAL A 177 -15.38 8.58 5.74
CA VAL A 177 -15.16 7.23 5.23
C VAL A 177 -13.73 7.08 4.72
N ARG A 178 -13.25 8.06 3.95
CA ARG A 178 -11.90 8.00 3.42
C ARG A 178 -10.89 7.90 4.55
N HIS A 179 -11.06 8.71 5.60
CA HIS A 179 -10.09 8.75 6.67
C HIS A 179 -10.12 7.47 7.49
N VAL A 180 -11.31 6.96 7.80
CA VAL A 180 -11.44 5.70 8.53
C VAL A 180 -10.80 4.56 7.73
N ARG A 181 -11.12 4.48 6.43
CA ARG A 181 -10.56 3.39 5.64
C ARG A 181 -9.04 3.53 5.49
N SER A 182 -8.53 4.76 5.46
CA SER A 182 -7.09 4.96 5.36
C SER A 182 -6.38 4.49 6.62
N VAL A 183 -6.83 4.96 7.78
CA VAL A 183 -6.22 4.55 9.05
C VAL A 183 -6.37 3.04 9.26
N ASN A 184 -7.59 2.52 9.12
CA ASN A 184 -7.79 1.09 9.38
C ASN A 184 -7.05 0.24 8.36
N GLY A 185 -7.03 0.68 7.10
CA GLY A 185 -6.35 -0.09 6.08
C GLY A 185 -4.86 -0.20 6.31
N ASP A 186 -4.22 0.92 6.69
CA ASP A 186 -2.78 0.85 6.96
C ASP A 186 -2.49 0.05 8.22
N ILE A 187 -3.37 0.09 9.23
CA ILE A 187 -3.16 -0.74 10.40
C ILE A 187 -3.22 -2.21 10.03
N ARG A 188 -4.17 -2.59 9.17
N ARG A 188 -4.18 -2.58 9.17
CA ARG A 188 -4.26 -3.98 8.73
CA ARG A 188 -4.27 -3.97 8.71
C ARG A 188 -3.04 -4.38 7.91
C ARG A 188 -3.04 -4.38 7.92
N VAL A 189 -2.54 -3.49 7.06
CA VAL A 189 -1.31 -3.77 6.31
C VAL A 189 -0.15 -3.97 7.28
N LEU A 190 -0.05 -3.09 8.28
CA LEU A 190 1.06 -3.14 9.21
C LEU A 190 1.05 -4.44 10.01
N ARG A 191 -0.12 -4.93 10.39
N ARG A 191 -0.13 -4.93 10.37
CA ARG A 191 -0.19 -6.09 11.28
CA ARG A 191 -0.27 -6.08 11.24
C ARG A 191 0.52 -7.31 10.69
C ARG A 191 0.45 -7.30 10.69
N ASN A 192 0.43 -7.49 9.37
CA ASN A 192 1.00 -8.65 8.71
C ASN A 192 2.34 -8.38 8.03
N MET A 193 2.86 -7.16 8.14
CA MET A 193 4.06 -6.78 7.39
C MET A 193 5.30 -7.50 7.93
N ASP A 194 6.21 -7.83 7.02
CA ASP A 194 7.55 -8.28 7.39
C ASP A 194 8.18 -7.26 8.32
N ASP A 195 8.60 -7.71 9.51
CA ASP A 195 9.21 -6.82 10.49
C ASP A 195 10.34 -6.00 9.88
N ASP A 196 11.10 -6.62 8.97
CA ASP A 196 12.25 -5.93 8.40
C ASP A 196 11.84 -4.73 7.55
N GLU A 197 10.61 -4.72 7.04
CA GLU A 197 10.10 -3.64 6.20
C GLU A 197 9.47 -2.50 6.99
N VAL A 198 9.29 -2.67 8.30
CA VAL A 198 8.59 -1.66 9.09
C VAL A 198 9.43 -0.39 9.23
N PHE A 199 10.77 -0.51 9.24
CA PHE A 199 11.59 0.69 9.34
C PHE A 199 11.31 1.65 8.18
N THR A 200 11.34 1.13 6.95
CA THR A 200 11.00 1.95 5.78
C THR A 200 9.55 2.42 5.83
N PHE A 201 8.63 1.56 6.29
CA PHE A 201 7.24 2.00 6.43
C PHE A 201 7.14 3.22 7.35
N ALA A 202 7.82 3.20 8.50
CA ALA A 202 7.80 4.34 9.41
C ALA A 202 8.40 5.59 8.75
N LYS A 203 9.48 5.40 7.98
CA LYS A 203 10.06 6.52 7.25
C LYS A 203 9.04 7.13 6.29
N LYS A 204 8.35 6.29 5.52
N LYS A 204 8.37 6.28 5.51
CA LYS A 204 7.41 6.80 4.53
CA LYS A 204 7.40 6.78 4.53
C LYS A 204 6.18 7.42 5.17
C LYS A 204 6.23 7.47 5.22
N LEU A 205 5.77 6.93 6.35
CA LEU A 205 4.69 7.55 7.10
C LEU A 205 5.12 8.86 7.76
N ALA A 206 6.43 9.08 7.91
CA ALA A 206 6.96 10.15 8.75
C ALA A 206 6.34 10.10 10.14
N ALA A 207 6.29 8.90 10.70
CA ALA A 207 5.73 8.64 12.02
C ALA A 207 6.77 7.95 12.90
N PRO A 208 6.67 8.09 14.22
CA PRO A 208 7.70 7.50 15.10
C PRO A 208 7.66 5.98 15.06
N TYR A 209 8.83 5.38 14.80
CA TYR A 209 8.94 3.92 14.67
C TYR A 209 8.38 3.18 15.88
N ASP A 210 8.67 3.66 17.10
CA ASP A 210 8.20 2.94 18.28
C ASP A 210 6.67 2.86 18.31
N LEU A 211 6.00 3.96 17.94
CA LEU A 211 4.54 3.94 17.90
C LEU A 211 4.02 3.08 16.75
N VAL A 212 4.71 3.08 15.62
CA VAL A 212 4.35 2.18 14.52
C VAL A 212 4.40 0.72 15.00
N MET A 213 5.47 0.35 15.70
CA MET A 213 5.59 -1.03 16.18
C MET A 213 4.53 -1.32 17.25
N GLN A 214 4.25 -0.36 18.14
CA GLN A 214 3.18 -0.58 19.11
C GLN A 214 1.85 -0.83 18.43
N THR A 215 1.55 -0.05 17.39
CA THR A 215 0.31 -0.24 16.63
C THR A 215 0.30 -1.60 15.95
N LYS A 216 1.45 -2.05 15.45
N LYS A 216 1.45 -2.04 15.43
CA LYS A 216 1.52 -3.37 14.84
CA LYS A 216 1.54 -3.36 14.82
C LYS A 216 1.21 -4.46 15.85
C LYS A 216 1.21 -4.46 15.83
N GLN A 217 1.80 -4.38 17.05
N GLN A 217 1.75 -4.34 17.05
CA GLN A 217 1.57 -5.41 18.07
CA GLN A 217 1.56 -5.40 18.04
C GLN A 217 0.11 -5.42 18.50
C GLN A 217 0.13 -5.42 18.58
N LEU A 218 -0.49 -4.23 18.71
CA LEU A 218 -1.86 -4.16 19.19
C LEU A 218 -2.87 -4.54 18.11
N GLY A 219 -2.57 -4.28 16.84
CA GLY A 219 -3.55 -4.49 15.81
C GLY A 219 -4.60 -3.40 15.72
N ARG A 220 -4.38 -2.27 16.39
N ARG A 220 -4.35 -2.26 16.36
CA ARG A 220 -5.26 -1.11 16.30
CA ARG A 220 -5.28 -1.15 16.42
C ARG A 220 -4.51 0.09 16.85
C ARG A 220 -4.50 0.07 16.87
N LEU A 221 -5.12 1.26 16.74
N LEU A 221 -5.17 1.22 16.82
CA LEU A 221 -4.52 2.45 17.30
CA LEU A 221 -4.58 2.44 17.32
C LEU A 221 -4.38 2.29 18.82
C LEU A 221 -4.42 2.35 18.84
N PRO A 222 -3.30 2.84 19.40
CA PRO A 222 -3.11 2.74 20.86
C PRO A 222 -4.04 3.61 21.69
N VAL A 223 -4.96 4.37 21.07
CA VAL A 223 -5.90 5.22 21.78
C VAL A 223 -7.28 5.02 21.18
N VAL A 224 -8.30 5.49 21.91
CA VAL A 224 -9.67 5.50 21.40
C VAL A 224 -9.73 6.26 20.07
N GLN A 225 -10.53 5.76 19.12
CA GLN A 225 -10.61 6.30 17.77
C GLN A 225 -12.08 6.51 17.40
N PHE A 226 -12.48 7.78 17.21
CA PHE A 226 -13.85 8.13 16.88
C PHE A 226 -13.95 8.64 15.45
N ALA A 227 -15.16 8.55 14.88
CA ALA A 227 -15.45 9.23 13.62
C ALA A 227 -15.95 10.64 13.89
N ALA A 228 -15.59 11.57 13.02
CA ALA A 228 -16.09 12.93 13.11
C ALA A 228 -16.01 13.60 11.75
N GLY A 229 -16.92 14.56 11.54
CA GLY A 229 -16.91 15.35 10.33
C GLY A 229 -17.86 14.81 9.28
N GLY A 230 -19.10 15.28 9.31
CA GLY A 230 -20.11 14.89 8.33
C GLY A 230 -21.04 13.78 8.76
N VAL A 231 -21.00 13.32 10.01
CA VAL A 231 -21.89 12.26 10.49
C VAL A 231 -23.27 12.90 10.70
N ALA A 232 -24.21 12.66 9.79
CA ALA A 232 -25.48 13.37 9.79
C ALA A 232 -26.69 12.52 10.16
N THR A 233 -26.73 11.25 9.79
CA THR A 233 -27.92 10.44 9.99
C THR A 233 -27.62 9.23 10.86
N PRO A 234 -28.64 8.54 11.39
CA PRO A 234 -28.37 7.26 12.05
C PRO A 234 -27.61 6.28 11.18
N ALA A 235 -27.94 6.21 9.89
CA ALA A 235 -27.22 5.33 8.98
C ALA A 235 -25.73 5.69 8.94
N ASP A 236 -25.40 6.99 8.90
CA ASP A 236 -23.99 7.39 8.90
C ASP A 236 -23.29 6.92 10.17
N ALA A 237 -23.94 7.09 11.32
CA ALA A 237 -23.28 6.76 12.58
C ALA A 237 -23.04 5.26 12.69
N ALA A 238 -24.01 4.45 12.28
CA ALA A 238 -23.82 3.01 12.32
C ALA A 238 -22.79 2.55 11.29
N LEU A 239 -22.70 3.25 10.15
CA LEU A 239 -21.67 2.94 9.16
C LEU A 239 -20.27 3.09 9.77
N MET A 240 -20.06 4.20 10.49
CA MET A 240 -18.76 4.41 11.14
C MET A 240 -18.45 3.30 12.15
N MET A 241 -19.45 2.90 12.94
CA MET A 241 -19.22 1.82 13.90
C MET A 241 -18.91 0.52 13.19
N GLN A 242 -19.60 0.23 12.08
CA GLN A 242 -19.35 -1.02 11.36
C GLN A 242 -17.97 -1.02 10.70
N LEU A 243 -17.47 0.17 10.32
CA LEU A 243 -16.12 0.28 9.80
C LEU A 243 -15.05 0.12 10.88
N GLY A 244 -15.43 0.14 12.16
CA GLY A 244 -14.48 -0.13 13.23
C GLY A 244 -14.29 1.00 14.22
N CYS A 245 -15.01 2.11 14.12
CA CYS A 245 -14.77 3.21 15.05
C CYS A 245 -15.32 2.86 16.44
N ASP A 246 -14.83 3.59 17.45
CA ASP A 246 -15.25 3.39 18.83
C ASP A 246 -16.44 4.25 19.22
N GLY A 247 -16.84 5.20 18.37
CA GLY A 247 -17.89 6.14 18.66
C GLY A 247 -17.87 7.24 17.62
N VAL A 248 -18.77 8.22 17.78
CA VAL A 248 -18.88 9.31 16.80
C VAL A 248 -19.06 10.65 17.49
N PHE A 249 -18.57 11.70 16.82
CA PHE A 249 -18.93 13.09 17.11
C PHE A 249 -19.99 13.52 16.13
N VAL A 250 -20.98 14.29 16.61
CA VAL A 250 -21.97 14.90 15.73
C VAL A 250 -22.08 16.39 16.02
N GLY A 251 -22.41 17.15 14.98
CA GLY A 251 -22.47 18.59 15.05
C GLY A 251 -23.85 19.14 15.35
N SER A 252 -24.03 20.42 15.04
CA SER A 252 -25.22 21.15 15.43
C SER A 252 -26.44 20.86 14.56
N GLY A 253 -26.31 20.01 13.54
CA GLY A 253 -27.49 19.63 12.76
C GLY A 253 -28.58 19.01 13.61
N ILE A 254 -28.21 18.41 14.74
CA ILE A 254 -29.19 17.87 15.69
C ILE A 254 -30.18 18.95 16.11
N PHE A 255 -29.69 20.14 16.41
CA PHE A 255 -30.51 21.19 16.98
C PHE A 255 -31.08 22.14 15.93
N LYS A 256 -30.78 21.93 14.65
N LYS A 256 -30.76 21.95 14.66
CA LYS A 256 -31.45 22.68 13.58
CA LYS A 256 -31.25 22.83 13.59
C LYS A 256 -32.80 22.09 13.22
C LYS A 256 -32.63 22.44 13.08
N SER A 257 -33.09 20.86 13.65
N SER A 257 -33.13 21.26 13.44
CA SER A 257 -34.34 20.19 13.32
CA SER A 257 -34.42 20.80 12.95
C SER A 257 -35.47 20.64 14.23
C SER A 257 -35.53 21.10 13.95
N GLY A 258 -36.67 20.15 13.95
N GLY A 258 -36.57 20.28 13.96
CA GLY A 258 -37.84 20.52 14.73
CA GLY A 258 -37.75 20.55 14.76
C GLY A 258 -38.04 19.74 16.02
C GLY A 258 -37.79 19.87 16.12
N ASP A 259 -37.32 18.63 16.19
CA ASP A 259 -37.41 17.81 17.41
C ASP A 259 -36.02 17.36 17.82
N PRO A 260 -35.23 18.26 18.43
CA PRO A 260 -33.84 17.90 18.75
C PRO A 260 -33.68 16.67 19.63
N ALA A 261 -34.52 16.52 20.65
CA ALA A 261 -34.39 15.36 21.52
C ALA A 261 -34.54 14.07 20.74
N ARG A 262 -35.48 14.03 19.79
CA ARG A 262 -35.67 12.83 18.99
C ARG A 262 -34.48 12.54 18.09
N ARG A 263 -33.94 13.57 17.44
N ARG A 263 -33.96 13.56 17.42
CA ARG A 263 -32.80 13.33 16.56
CA ARG A 263 -32.81 13.35 16.55
C ARG A 263 -31.56 12.95 17.34
C ARG A 263 -31.57 12.95 17.34
N ALA A 264 -31.34 13.58 18.49
CA ALA A 264 -30.20 13.22 19.33
C ALA A 264 -30.32 11.78 19.81
N ARG A 265 -31.50 11.37 20.28
N ARG A 265 -31.52 11.38 20.25
CA ARG A 265 -31.68 9.99 20.71
CA ARG A 265 -31.73 10.01 20.69
C ARG A 265 -31.49 9.00 19.55
C ARG A 265 -31.50 9.01 19.56
N ALA A 266 -31.89 9.39 18.33
CA ALA A 266 -31.75 8.48 17.21
C ALA A 266 -30.29 8.15 16.92
N ILE A 267 -29.40 9.15 17.02
CA ILE A 267 -27.98 8.90 16.80
C ILE A 267 -27.40 8.03 17.91
N VAL A 268 -27.75 8.33 19.16
CA VAL A 268 -27.28 7.52 20.30
C VAL A 268 -27.70 6.07 20.11
N GLN A 269 -28.97 5.85 19.76
CA GLN A 269 -29.45 4.48 19.59
C GLN A 269 -28.79 3.80 18.40
N ALA A 270 -28.50 4.56 17.34
CA ALA A 270 -27.83 3.98 16.18
C ALA A 270 -26.45 3.47 16.54
N VAL A 271 -25.72 4.20 17.40
CA VAL A 271 -24.39 3.77 17.80
C VAL A 271 -24.47 2.56 18.73
N THR A 272 -25.46 2.56 19.64
CA THR A 272 -25.62 1.42 20.54
C THR A 272 -25.99 0.15 19.77
N HIS A 273 -26.86 0.29 18.78
CA HIS A 273 -27.44 -0.84 18.06
C HIS A 273 -26.98 -0.88 16.60
N TYR A 274 -25.69 -0.61 16.37
CA TYR A 274 -25.21 -0.39 15.01
C TYR A 274 -25.31 -1.62 14.13
N SER A 275 -25.40 -2.82 14.70
CA SER A 275 -25.47 -4.04 13.91
C SER A 275 -26.89 -4.59 13.78
N ASP A 276 -27.91 -3.79 14.13
CA ASP A 276 -29.30 -4.23 14.17
C ASP A 276 -30.09 -3.42 13.16
N PRO A 277 -30.25 -3.90 11.93
CA PRO A 277 -30.97 -3.11 10.92
C PRO A 277 -32.40 -2.77 11.31
N GLU A 278 -33.07 -3.65 12.05
CA GLU A 278 -34.44 -3.35 12.49
C GLU A 278 -34.46 -2.14 13.40
N MET A 279 -33.49 -2.02 14.30
CA MET A 279 -33.44 -0.84 15.15
C MET A 279 -33.10 0.41 14.34
N LEU A 280 -32.22 0.27 13.35
CA LEU A 280 -31.86 1.43 12.53
C LEU A 280 -33.06 1.93 11.73
N VAL A 281 -33.93 1.02 11.26
CA VAL A 281 -35.19 1.44 10.63
C VAL A 281 -36.04 2.21 11.64
N GLU A 282 -36.20 1.64 12.85
CA GLU A 282 -37.06 2.24 13.85
C GLU A 282 -36.67 3.69 14.13
N VAL A 283 -35.38 3.94 14.38
CA VAL A 283 -34.98 5.29 14.76
C VAL A 283 -34.91 6.24 13.57
N SER A 284 -34.80 5.71 12.35
CA SER A 284 -34.76 6.55 11.16
C SER A 284 -36.14 6.90 10.65
N CYS A 285 -37.16 6.11 10.97
CA CYS A 285 -38.49 6.25 10.39
C CYS A 285 -39.15 7.54 10.86
N GLY A 286 -39.48 8.42 9.91
CA GLY A 286 -40.11 9.68 10.23
C GLY A 286 -39.18 10.74 10.76
N LEU A 287 -37.87 10.53 10.67
CA LEU A 287 -36.90 11.45 11.21
C LEU A 287 -36.57 12.54 10.19
N PRO B 22 -27.85 -18.40 -4.73
N PRO B 22 -29.45 -17.27 -3.50
CA PRO B 22 -28.65 -17.22 -4.36
CA PRO B 22 -28.40 -17.41 -4.52
C PRO B 22 -28.60 -16.14 -5.43
C PRO B 22 -28.40 -16.24 -5.50
N PHE B 23 -27.43 -15.98 -6.08
N PHE B 23 -27.27 -16.02 -6.16
CA PHE B 23 -27.29 -14.93 -7.09
CA PHE B 23 -27.19 -14.94 -7.14
C PHE B 23 -28.20 -15.19 -8.27
C PHE B 23 -28.14 -15.18 -8.31
N SER B 24 -28.28 -16.44 -8.73
CA SER B 24 -29.15 -16.75 -9.86
C SER B 24 -30.61 -16.47 -9.54
N VAL B 25 -31.01 -16.63 -8.28
CA VAL B 25 -32.36 -16.27 -7.88
C VAL B 25 -32.59 -14.78 -8.01
N LYS B 26 -31.62 -13.96 -7.57
CA LYS B 26 -31.77 -12.51 -7.71
C LYS B 26 -31.81 -12.11 -9.17
N VAL B 27 -30.95 -12.71 -9.99
CA VAL B 27 -30.95 -12.44 -11.42
C VAL B 27 -32.31 -12.76 -12.04
N GLY B 28 -32.92 -13.87 -11.60
CA GLY B 28 -34.23 -14.25 -12.11
C GLY B 28 -35.33 -13.28 -11.71
N LEU B 29 -35.21 -12.69 -10.52
CA LEU B 29 -36.18 -11.66 -10.12
C LEU B 29 -36.15 -10.46 -11.06
N ALA B 30 -34.95 -9.95 -11.35
CA ALA B 30 -34.84 -8.80 -12.25
C ALA B 30 -35.31 -9.15 -13.66
N GLN B 31 -35.15 -10.39 -14.09
CA GLN B 31 -35.63 -10.78 -15.41
C GLN B 31 -37.14 -10.62 -15.56
N MET B 32 -37.89 -10.66 -14.45
CA MET B 32 -39.33 -10.45 -14.53
C MET B 32 -39.69 -9.06 -15.02
N LEU B 33 -38.76 -8.11 -14.94
CA LEU B 33 -39.01 -6.73 -15.33
C LEU B 33 -38.76 -6.48 -16.81
N ARG B 34 -38.28 -7.48 -17.55
CA ARG B 34 -38.03 -7.30 -18.98
C ARG B 34 -39.27 -6.76 -19.68
N GLY B 35 -39.06 -5.82 -20.59
CA GLY B 35 -40.15 -5.18 -21.29
C GLY B 35 -40.84 -4.07 -20.52
N GLY B 36 -40.27 -3.64 -19.39
CA GLY B 36 -40.97 -2.74 -18.49
C GLY B 36 -40.38 -1.35 -18.36
N VAL B 37 -41.18 -0.45 -17.79
CA VAL B 37 -40.78 0.92 -17.46
C VAL B 37 -40.80 1.07 -15.94
N ILE B 38 -39.72 1.61 -15.38
CA ILE B 38 -39.63 1.90 -13.95
C ILE B 38 -39.72 3.42 -13.79
N MET B 39 -40.59 3.87 -12.89
CA MET B 39 -40.92 5.28 -12.75
C MET B 39 -40.54 5.80 -11.37
N ASP B 40 -39.85 6.94 -11.35
CA ASP B 40 -39.59 7.66 -10.10
C ASP B 40 -40.90 8.24 -9.57
N VAL B 41 -41.15 8.06 -8.28
CA VAL B 41 -42.35 8.57 -7.63
C VAL B 41 -41.97 9.15 -6.27
N VAL B 42 -42.59 10.26 -5.90
CA VAL B 42 -42.28 10.95 -4.64
C VAL B 42 -43.35 10.79 -3.59
N ASN B 43 -44.49 10.16 -3.92
CA ASN B 43 -45.54 9.93 -2.94
C ASN B 43 -46.43 8.80 -3.44
N ALA B 44 -47.39 8.42 -2.59
CA ALA B 44 -48.26 7.29 -2.88
C ALA B 44 -49.17 7.57 -4.07
N GLU B 45 -49.61 8.82 -4.24
CA GLU B 45 -50.47 9.14 -5.37
C GLU B 45 -49.74 8.92 -6.69
N GLN B 46 -48.49 9.39 -6.79
CA GLN B 46 -47.72 9.16 -8.01
C GLN B 46 -47.45 7.67 -8.22
N ALA B 47 -47.21 6.94 -7.13
CA ALA B 47 -47.02 5.49 -7.23
C ALA B 47 -48.26 4.82 -7.81
N ARG B 48 -49.45 5.23 -7.37
N ARG B 48 -49.45 5.24 -7.39
CA ARG B 48 -50.68 4.68 -7.93
CA ARG B 48 -50.68 4.66 -7.93
C ARG B 48 -50.81 4.98 -9.41
C ARG B 48 -50.83 4.98 -9.41
N ILE B 49 -50.52 6.23 -9.80
CA ILE B 49 -50.60 6.62 -11.20
C ILE B 49 -49.64 5.78 -12.04
N ALA B 50 -48.42 5.57 -11.54
CA ALA B 50 -47.45 4.77 -12.25
C ALA B 50 -47.95 3.34 -12.45
N GLU B 51 -48.49 2.73 -11.39
CA GLU B 51 -48.97 1.35 -11.51
C GLU B 51 -50.16 1.27 -12.45
N GLU B 52 -51.08 2.23 -12.36
CA GLU B 52 -52.25 2.21 -13.23
C GLU B 52 -51.87 2.39 -14.70
N ALA B 53 -50.76 3.07 -14.96
CA ALA B 53 -50.27 3.26 -16.33
C ALA B 53 -49.55 2.04 -16.88
N GLY B 54 -49.27 1.04 -16.03
CA GLY B 54 -48.59 -0.16 -16.48
C GLY B 54 -47.11 -0.22 -16.19
N ALA B 55 -46.58 0.62 -15.31
CA ALA B 55 -45.19 0.52 -14.92
C ALA B 55 -44.91 -0.86 -14.34
N CYS B 56 -43.68 -1.34 -14.55
CA CYS B 56 -43.29 -2.63 -13.99
C CYS B 56 -42.79 -2.53 -12.56
N ALA B 57 -42.40 -1.33 -12.13
CA ALA B 57 -41.90 -1.08 -10.78
C ALA B 57 -41.87 0.43 -10.59
N VAL B 58 -41.74 0.86 -9.34
CA VAL B 58 -41.58 2.27 -9.02
C VAL B 58 -40.30 2.46 -8.22
N MET B 59 -39.73 3.66 -8.34
CA MET B 59 -38.52 4.05 -7.62
C MET B 59 -38.94 5.13 -6.63
N ALA B 60 -38.98 4.78 -5.35
CA ALA B 60 -39.37 5.74 -4.31
C ALA B 60 -38.21 6.69 -4.04
N LEU B 61 -38.48 7.99 -4.09
CA LEU B 61 -37.45 8.98 -3.74
C LEU B 61 -38.11 10.28 -3.30
N GLU B 62 -37.62 10.84 -2.19
N GLU B 62 -37.49 10.95 -2.32
CA GLU B 62 -38.39 11.86 -1.47
CA GLU B 62 -37.94 12.27 -1.90
C GLU B 62 -38.25 13.25 -2.08
C GLU B 62 -37.48 13.36 -2.85
N ARG B 63 -37.07 13.58 -2.60
N ARG B 63 -36.23 13.30 -3.31
CA ARG B 63 -36.83 14.87 -3.21
CA ARG B 63 -35.62 14.36 -4.11
C ARG B 63 -35.87 14.67 -4.38
C ARG B 63 -35.18 13.82 -5.46
N VAL B 64 -35.99 15.54 -5.38
N VAL B 64 -35.47 14.59 -6.51
CA VAL B 64 -35.11 15.48 -6.55
CA VAL B 64 -35.26 14.16 -7.89
C VAL B 64 -33.69 15.78 -6.08
C VAL B 64 -33.92 14.70 -8.40
N PRO B 65 -32.75 14.84 -6.24
N PRO B 65 -33.31 14.07 -9.42
CA PRO B 65 -31.38 15.08 -5.77
CA PRO B 65 -32.02 14.58 -9.92
C PRO B 65 -30.71 16.27 -6.42
C PRO B 65 -32.06 16.03 -10.39
N ALA B 66 -31.13 16.66 -7.63
N ALA B 66 -33.13 16.43 -11.09
CA ALA B 66 -30.54 17.84 -8.27
CA ALA B 66 -33.23 17.82 -11.55
C ALA B 66 -30.92 19.12 -7.53
C ALA B 66 -33.18 18.80 -10.38
N ASP B 67 -32.18 19.23 -7.09
N ASP B 67 -33.70 18.41 -9.21
CA ASP B 67 -32.58 20.38 -6.28
CA ASP B 67 -33.60 19.25 -8.03
C ASP B 67 -31.88 20.37 -4.93
C ASP B 67 -32.24 19.13 -7.36
N ILE B 68 -31.64 19.18 -4.37
N ILE B 68 -31.57 17.98 -7.50
CA ILE B 68 -30.92 19.09 -3.10
CA ILE B 68 -30.29 17.77 -6.84
C ILE B 68 -29.49 19.63 -3.27
C ILE B 68 -29.21 18.65 -7.48
N ARG B 69 -28.82 19.24 -4.36
N ARG B 69 -29.15 18.64 -8.81
CA ARG B 69 -27.47 19.70 -4.59
CA ARG B 69 -28.14 19.46 -9.50
C ARG B 69 -27.43 21.16 -5.02
C ARG B 69 -28.39 20.94 -9.24
N ALA B 70 -28.40 21.59 -5.83
N ALA B 70 -29.65 21.36 -9.24
CA ALA B 70 -28.43 22.99 -6.27
CA ALA B 70 -30.01 22.76 -9.08
C ALA B 70 -28.61 23.94 -5.09
C ALA B 70 -29.73 23.25 -7.66
N GLN B 71 -29.27 23.49 -4.02
N GLN B 71 -30.55 22.81 -6.70
CA GLN B 71 -29.40 24.26 -2.80
CA GLN B 71 -30.44 23.32 -5.33
C GLN B 71 -28.26 23.99 -1.82
C GLN B 71 -29.20 22.80 -4.62
N GLY B 72 -27.16 23.43 -2.28
N GLY B 72 -28.59 21.71 -5.08
CA GLY B 72 -26.02 23.14 -1.42
CA GLY B 72 -27.40 21.22 -4.43
C GLY B 72 -26.32 22.10 -0.37
C GLY B 72 -27.72 20.51 -3.12
N GLY B 73 -26.62 20.87 -0.80
N GLY B 73 -26.70 20.42 -2.28
CA GLY B 73 -27.00 19.81 0.12
CA GLY B 73 -26.83 19.79 -0.98
C GLY B 73 -26.47 18.46 -0.31
C GLY B 73 -26.63 18.28 -1.05
N VAL B 74 -26.64 17.49 0.59
N VAL B 74 -26.47 17.68 0.13
CA VAL B 74 -26.22 16.12 0.37
CA VAL B 74 -26.25 16.25 0.22
C VAL B 74 -27.47 15.27 0.17
C VAL B 74 -27.57 15.53 -0.06
N ALA B 75 -27.51 14.52 -0.93
CA ALA B 75 -28.67 13.68 -1.26
C ALA B 75 -28.43 12.28 -0.71
N ARG B 76 -29.31 11.82 0.16
CA ARG B 76 -29.13 10.57 0.90
C ARG B 76 -30.30 9.62 0.64
N MET B 77 -30.23 8.45 1.27
CA MET B 77 -31.39 7.56 1.37
C MET B 77 -32.61 8.34 1.83
N SER B 78 -33.77 8.01 1.26
CA SER B 78 -35.01 8.66 1.67
C SER B 78 -35.47 8.12 3.02
N ASP B 79 -36.34 8.89 3.66
CA ASP B 79 -36.91 8.49 4.94
C ASP B 79 -37.65 7.16 4.79
N PRO B 80 -37.35 6.16 5.61
CA PRO B 80 -38.11 4.90 5.54
C PRO B 80 -39.61 5.08 5.59
N GLN B 81 -40.10 6.12 6.27
CA GLN B 81 -41.53 6.32 6.36
C GLN B 81 -42.16 6.58 5.01
N MET B 82 -41.52 7.43 4.18
CA MET B 82 -42.11 7.70 2.87
C MET B 82 -41.98 6.50 1.94
N ILE B 83 -40.89 5.73 2.09
CA ILE B 83 -40.73 4.52 1.30
C ILE B 83 -41.81 3.49 1.65
N LYS B 84 -42.08 3.31 2.93
CA LYS B 84 -43.12 2.37 3.34
C LYS B 84 -44.48 2.78 2.81
N GLU B 85 -44.78 4.08 2.81
CA GLU B 85 -46.07 4.54 2.29
C GLU B 85 -46.22 4.17 0.82
N ILE B 86 -45.15 4.29 0.03
CA ILE B 86 -45.21 3.92 -1.38
C ILE B 86 -45.38 2.41 -1.53
N LYS B 87 -44.60 1.64 -0.76
CA LYS B 87 -44.70 0.18 -0.82
C LYS B 87 -46.11 -0.29 -0.47
N GLN B 88 -46.74 0.37 0.50
CA GLN B 88 -48.10 0.00 0.90
C GLN B 88 -49.14 0.36 -0.17
N ALA B 89 -48.80 1.23 -1.11
CA ALA B 89 -49.79 1.74 -2.06
C ALA B 89 -49.87 0.94 -3.36
N VAL B 90 -48.88 0.08 -3.65
CA VAL B 90 -48.81 -0.59 -4.94
C VAL B 90 -48.52 -2.07 -4.74
N THR B 91 -48.86 -2.85 -5.77
N THR B 91 -48.84 -2.86 -5.79
CA THR B 91 -48.54 -4.27 -5.81
CA THR B 91 -48.53 -4.28 -5.80
C THR B 91 -47.23 -4.54 -6.54
C THR B 91 -47.34 -4.63 -6.67
N ILE B 92 -46.88 -3.70 -7.50
CA ILE B 92 -45.66 -3.89 -8.30
C ILE B 92 -44.44 -3.65 -7.41
N PRO B 93 -43.26 -4.13 -7.80
CA PRO B 93 -42.08 -3.98 -6.94
C PRO B 93 -41.70 -2.52 -6.72
N VAL B 94 -41.09 -2.26 -5.57
CA VAL B 94 -40.64 -0.93 -5.19
C VAL B 94 -39.12 -0.96 -5.06
N MET B 95 -38.46 0.02 -5.67
CA MET B 95 -37.02 0.22 -5.53
C MET B 95 -36.77 1.51 -4.76
N ALA B 96 -35.60 1.60 -4.14
CA ALA B 96 -35.16 2.81 -3.47
C ALA B 96 -33.64 2.92 -3.57
N LYS B 97 -33.12 4.13 -3.42
CA LYS B 97 -31.71 4.40 -3.68
C LYS B 97 -30.88 4.42 -2.40
N ALA B 98 -29.66 3.89 -2.49
CA ALA B 98 -28.63 4.04 -1.48
C ALA B 98 -27.42 4.72 -2.11
N ARG B 99 -26.73 5.53 -1.30
CA ARG B 99 -25.50 6.15 -1.78
C ARG B 99 -24.44 5.09 -2.07
N ILE B 100 -23.61 5.36 -3.08
CA ILE B 100 -22.55 4.43 -3.45
C ILE B 100 -21.66 4.20 -2.25
N GLY B 101 -21.46 2.92 -1.91
CA GLY B 101 -20.64 2.54 -0.77
C GLY B 101 -21.34 2.57 0.58
N HIS B 102 -22.57 3.08 0.66
CA HIS B 102 -23.23 3.22 1.96
C HIS B 102 -23.99 1.93 2.28
N PHE B 103 -23.25 0.94 2.75
CA PHE B 103 -23.85 -0.37 2.99
C PHE B 103 -24.86 -0.36 4.13
N VAL B 104 -24.79 0.61 5.05
CA VAL B 104 -25.79 0.66 6.11
C VAL B 104 -27.11 1.23 5.60
N GLU B 105 -27.07 2.23 4.71
CA GLU B 105 -28.31 2.64 4.05
C GLU B 105 -28.96 1.44 3.38
N ALA B 106 -28.16 0.59 2.74
CA ALA B 106 -28.71 -0.59 2.10
C ALA B 106 -29.30 -1.57 3.12
N GLN B 107 -28.65 -1.72 4.29
CA GLN B 107 -29.20 -2.60 5.32
C GLN B 107 -30.57 -2.10 5.78
N ILE B 108 -30.71 -0.79 5.92
CA ILE B 108 -31.99 -0.20 6.33
C ILE B 108 -33.04 -0.43 5.25
N LEU B 109 -32.70 -0.16 3.99
CA LEU B 109 -33.67 -0.36 2.91
C LEU B 109 -34.14 -1.80 2.84
N GLU B 110 -33.21 -2.75 2.98
CA GLU B 110 -33.61 -4.16 2.97
C GLU B 110 -34.55 -4.48 4.13
N ALA B 111 -34.29 -3.90 5.30
CA ALA B 111 -35.12 -4.17 6.46
C ALA B 111 -36.50 -3.55 6.36
N ILE B 112 -36.69 -2.57 5.47
CA ILE B 112 -38.02 -2.00 5.21
C ILE B 112 -38.92 -3.01 4.53
N GLY B 113 -38.34 -3.92 3.75
CA GLY B 113 -39.12 -4.88 3.00
C GLY B 113 -39.37 -4.50 1.56
N ILE B 114 -38.56 -3.63 0.98
CA ILE B 114 -38.72 -3.30 -0.43
C ILE B 114 -38.08 -4.38 -1.30
N ASP B 115 -38.15 -4.19 -2.61
CA ASP B 115 -37.82 -5.27 -3.54
C ASP B 115 -36.45 -5.15 -4.18
N TYR B 116 -35.97 -3.93 -4.41
CA TYR B 116 -34.67 -3.71 -5.04
C TYR B 116 -34.01 -2.49 -4.39
N ILE B 117 -32.68 -2.50 -4.37
CA ILE B 117 -31.90 -1.32 -4.01
C ILE B 117 -31.15 -0.86 -5.24
N ASP B 118 -31.21 0.45 -5.51
CA ASP B 118 -30.44 1.08 -6.57
C ASP B 118 -29.27 1.77 -5.90
N GLU B 119 -28.06 1.23 -6.08
CA GLU B 119 -26.85 1.89 -5.58
C GLU B 119 -26.51 2.98 -6.58
N SER B 120 -26.81 4.24 -6.22
CA SER B 120 -27.06 5.27 -7.23
C SER B 120 -26.08 6.43 -7.13
N GLU B 121 -25.39 6.71 -8.24
CA GLU B 121 -24.58 7.90 -8.41
C GLU B 121 -25.41 9.18 -8.47
N VAL B 122 -26.74 9.08 -8.51
CA VAL B 122 -27.58 10.27 -8.45
C VAL B 122 -27.57 10.85 -7.04
N LEU B 123 -27.48 10.01 -6.02
CA LEU B 123 -27.26 10.49 -4.66
C LEU B 123 -25.79 10.86 -4.49
N THR B 124 -25.48 11.49 -3.35
CA THR B 124 -24.12 11.94 -3.09
C THR B 124 -23.23 10.74 -2.77
N LEU B 125 -22.10 10.66 -3.46
CA LEU B 125 -21.14 9.59 -3.24
C LEU B 125 -20.76 9.50 -1.76
N ALA B 126 -20.83 8.30 -1.18
CA ALA B 126 -20.43 8.11 0.22
C ALA B 126 -19.06 7.48 0.38
N ASP B 127 -18.58 6.71 -0.61
CA ASP B 127 -17.27 6.07 -0.54
C ASP B 127 -16.66 6.25 -1.92
N GLU B 128 -15.56 7.02 -1.99
CA GLU B 128 -14.96 7.34 -3.28
C GLU B 128 -14.27 6.14 -3.92
N ASP B 129 -13.90 5.13 -3.14
CA ASP B 129 -13.06 4.06 -3.65
C ASP B 129 -13.72 2.69 -3.75
N HIS B 130 -14.85 2.46 -3.07
CA HIS B 130 -15.47 1.16 -3.01
C HIS B 130 -16.98 1.26 -3.12
N HIS B 131 -17.58 0.32 -3.83
CA HIS B 131 -19.03 0.13 -3.85
C HIS B 131 -19.43 -0.86 -2.74
N ILE B 132 -20.74 -0.96 -2.53
CA ILE B 132 -21.30 -1.91 -1.56
C ILE B 132 -21.00 -3.35 -2.00
N ASN B 133 -20.65 -4.19 -1.02
CA ASN B 133 -20.53 -5.63 -1.25
C ASN B 133 -21.95 -6.17 -1.26
N LYS B 134 -22.52 -6.29 -2.46
CA LYS B 134 -23.94 -6.57 -2.62
C LYS B 134 -24.26 -8.04 -2.40
N HIS B 135 -23.26 -8.92 -2.44
CA HIS B 135 -23.49 -10.33 -2.13
C HIS B 135 -23.89 -10.55 -0.68
N ASN B 136 -23.66 -9.56 0.19
CA ASN B 136 -24.02 -9.67 1.60
C ASN B 136 -25.51 -9.50 1.86
N PHE B 137 -26.32 -9.30 0.82
CA PHE B 137 -27.73 -8.96 0.97
C PHE B 137 -28.61 -10.03 0.34
N ARG B 138 -29.85 -10.12 0.84
N ARG B 138 -29.85 -10.12 0.83
CA ARG B 138 -30.84 -11.00 0.23
CA ARG B 138 -30.85 -11.00 0.24
C ARG B 138 -31.55 -10.34 -0.94
C ARG B 138 -31.57 -10.33 -0.93
N ILE B 139 -31.75 -9.02 -0.86
CA ILE B 139 -32.48 -8.22 -1.85
C ILE B 139 -31.59 -7.99 -3.07
N PRO B 140 -32.14 -8.00 -4.28
CA PRO B 140 -31.31 -7.69 -5.47
C PRO B 140 -31.01 -6.20 -5.58
N PHE B 141 -29.85 -5.91 -6.17
CA PHE B 141 -29.41 -4.54 -6.43
C PHE B 141 -29.39 -4.28 -7.93
N VAL B 142 -29.68 -3.03 -8.30
CA VAL B 142 -29.34 -2.49 -9.61
C VAL B 142 -28.20 -1.50 -9.43
N CYS B 143 -27.25 -1.52 -10.37
CA CYS B 143 -26.14 -0.57 -10.41
C CYS B 143 -26.06 0.04 -11.80
N GLY B 144 -25.48 1.24 -11.88
CA GLY B 144 -25.24 1.87 -13.16
C GLY B 144 -23.92 1.47 -13.79
N CYS B 145 -23.76 1.84 -15.06
CA CYS B 145 -22.50 1.61 -15.78
C CYS B 145 -22.43 2.55 -16.97
N ARG B 146 -21.20 2.80 -17.41
CA ARG B 146 -20.94 3.58 -18.62
C ARG B 146 -20.19 2.79 -19.67
N ASN B 147 -19.73 1.58 -19.34
CA ASN B 147 -18.97 0.75 -20.25
C ASN B 147 -19.01 -0.67 -19.71
N LEU B 148 -18.48 -1.61 -20.49
CA LEU B 148 -18.55 -3.02 -20.11
C LEU B 148 -17.72 -3.31 -18.85
N GLY B 149 -16.59 -2.62 -18.69
CA GLY B 149 -15.79 -2.85 -17.50
C GLY B 149 -16.55 -2.52 -16.22
N GLU B 150 -17.22 -1.35 -16.21
CA GLU B 150 -18.03 -0.99 -15.04
C GLU B 150 -19.16 -1.99 -14.83
N ALA B 151 -19.83 -2.40 -15.91
CA ALA B 151 -20.94 -3.34 -15.77
C ALA B 151 -20.47 -4.64 -15.11
N LEU B 152 -19.36 -5.20 -15.59
CA LEU B 152 -18.90 -6.48 -15.05
C LEU B 152 -18.37 -6.34 -13.63
N ARG B 153 -17.73 -5.21 -13.29
CA ARG B 153 -17.29 -5.02 -11.92
C ARG B 153 -18.48 -4.93 -10.96
N ARG B 154 -19.53 -4.22 -11.35
CA ARG B 154 -20.72 -4.14 -10.49
C ARG B 154 -21.35 -5.51 -10.33
N ILE B 155 -21.42 -6.29 -11.42
CA ILE B 155 -21.95 -7.66 -11.33
C ILE B 155 -21.11 -8.50 -10.39
N ARG B 156 -19.77 -8.39 -10.47
CA ARG B 156 -18.93 -9.22 -9.60
C ARG B 156 -19.14 -8.88 -8.13
N GLU B 157 -19.40 -7.60 -7.84
CA GLU B 157 -19.73 -7.17 -6.48
C GLU B 157 -21.11 -7.64 -6.05
N GLY B 158 -21.93 -8.14 -6.97
CA GLY B 158 -23.21 -8.74 -6.63
C GLY B 158 -24.43 -8.07 -7.25
N ALA B 159 -24.28 -7.07 -8.12
CA ALA B 159 -25.45 -6.48 -8.76
C ALA B 159 -26.16 -7.53 -9.61
N ALA B 160 -27.50 -7.57 -9.48
CA ALA B 160 -28.34 -8.51 -10.22
C ALA B 160 -29.00 -7.87 -11.42
N MET B 161 -28.76 -6.58 -11.64
CA MET B 161 -29.41 -5.81 -12.69
C MET B 161 -28.52 -4.61 -12.97
N ILE B 162 -28.42 -4.23 -14.24
CA ILE B 162 -27.56 -3.12 -14.66
C ILE B 162 -28.40 -2.11 -15.43
N ARG B 163 -28.10 -0.83 -15.22
CA ARG B 163 -28.67 0.25 -16.02
C ARG B 163 -27.52 1.13 -16.50
N THR B 164 -27.74 1.87 -17.59
CA THR B 164 -26.78 2.91 -17.94
C THR B 164 -26.83 4.01 -16.89
N LYS B 165 -25.78 4.81 -16.78
CA LYS B 165 -25.85 6.04 -15.95
C LYS B 165 -26.51 7.13 -16.72
N GLY B 166 -26.32 7.15 -18.03
CA GLY B 166 -26.77 8.26 -18.84
C GLY B 166 -26.37 9.60 -18.23
N GLU B 167 -27.27 10.58 -18.29
CA GLU B 167 -27.05 11.92 -17.74
C GLU B 167 -28.27 12.31 -16.93
N ALA B 168 -28.06 12.59 -15.65
CA ALA B 168 -29.16 12.89 -14.75
C ALA B 168 -29.57 14.36 -14.83
N GLY B 169 -30.87 14.61 -14.71
CA GLY B 169 -31.38 15.95 -14.57
C GLY B 169 -31.35 16.83 -15.81
N THR B 170 -31.22 16.26 -17.01
CA THR B 170 -31.15 17.07 -18.21
C THR B 170 -32.20 16.72 -19.27
N GLY B 171 -32.72 15.49 -19.28
CA GLY B 171 -33.56 15.09 -20.39
C GLY B 171 -32.82 14.90 -21.69
N ASN B 172 -31.49 14.86 -21.66
CA ASN B 172 -30.66 14.68 -22.85
C ASN B 172 -30.23 13.22 -22.94
N ILE B 173 -30.62 12.56 -24.03
CA ILE B 173 -30.41 11.13 -24.21
C ILE B 173 -28.99 10.78 -24.66
N ILE B 174 -28.15 11.77 -24.97
CA ILE B 174 -26.89 11.50 -25.67
C ILE B 174 -25.97 10.60 -24.84
N GLU B 175 -25.94 10.77 -23.52
CA GLU B 175 -25.04 9.95 -22.71
C GLU B 175 -25.54 8.52 -22.58
N ALA B 176 -26.86 8.33 -22.46
CA ALA B 176 -27.40 6.97 -22.44
C ALA B 176 -27.11 6.24 -23.74
N VAL B 177 -27.25 6.92 -24.88
CA VAL B 177 -26.87 6.32 -26.15
C VAL B 177 -25.40 5.92 -26.13
N ARG B 178 -24.53 6.80 -25.63
CA ARG B 178 -23.11 6.48 -25.58
C ARG B 178 -22.87 5.23 -24.75
N HIS B 179 -23.50 5.16 -23.58
CA HIS B 179 -23.26 4.03 -22.68
C HIS B 179 -23.80 2.73 -23.25
N VAL B 180 -25.01 2.75 -23.82
CA VAL B 180 -25.57 1.55 -24.45
C VAL B 180 -24.67 1.09 -25.59
N ARG B 181 -24.26 2.02 -26.46
CA ARG B 181 -23.41 1.63 -27.58
C ARG B 181 -22.05 1.12 -27.09
N SER B 182 -21.54 1.66 -25.99
CA SER B 182 -20.26 1.18 -25.47
C SER B 182 -20.38 -0.25 -24.96
N VAL B 183 -21.33 -0.50 -24.07
CA VAL B 183 -21.53 -1.84 -23.52
C VAL B 183 -21.84 -2.82 -24.64
N ASN B 184 -22.83 -2.51 -25.48
CA ASN B 184 -23.22 -3.43 -26.54
C ASN B 184 -22.09 -3.65 -27.54
N GLY B 185 -21.34 -2.59 -27.85
CA GLY B 185 -20.28 -2.73 -28.83
C GLY B 185 -19.17 -3.64 -28.36
N ASP B 186 -18.76 -3.51 -27.10
CA ASP B 186 -17.74 -4.41 -26.57
C ASP B 186 -18.26 -5.83 -26.39
N ILE B 187 -19.54 -6.00 -26.09
CA ILE B 187 -20.11 -7.35 -26.08
C ILE B 187 -20.03 -7.98 -27.47
N ARG B 188 -20.36 -7.19 -28.51
N ARG B 188 -20.37 -7.20 -28.51
CA ARG B 188 -20.27 -7.73 -29.86
CA ARG B 188 -20.27 -7.71 -29.87
C ARG B 188 -18.82 -8.04 -30.25
C ARG B 188 -18.82 -8.05 -30.23
N VAL B 189 -17.86 -7.22 -29.78
CA VAL B 189 -16.45 -7.51 -30.04
C VAL B 189 -16.06 -8.87 -29.47
N LEU B 190 -16.64 -9.26 -28.34
CA LEU B 190 -16.31 -10.54 -27.72
C LEU B 190 -16.71 -11.74 -28.56
N ARG B 191 -17.78 -11.64 -29.37
CA ARG B 191 -18.34 -12.81 -30.04
C ARG B 191 -17.29 -13.54 -30.87
N ASN B 192 -16.58 -12.82 -31.72
CA ASN B 192 -15.64 -13.42 -32.65
C ASN B 192 -14.20 -13.31 -32.17
N MET B 193 -13.96 -12.81 -30.96
CA MET B 193 -12.59 -12.59 -30.52
C MET B 193 -11.88 -13.93 -30.32
N ASP B 194 -10.64 -14.00 -30.79
CA ASP B 194 -9.76 -15.13 -30.51
C ASP B 194 -9.71 -15.35 -29.01
N ASP B 195 -10.01 -16.60 -28.59
CA ASP B 195 -10.00 -16.92 -27.16
C ASP B 195 -8.68 -16.51 -26.51
N ASP B 196 -7.58 -16.65 -27.25
CA ASP B 196 -6.27 -16.35 -26.67
C ASP B 196 -6.10 -14.87 -26.38
N GLU B 197 -6.86 -14.00 -27.04
CA GLU B 197 -6.78 -12.56 -26.80
C GLU B 197 -7.67 -12.09 -25.66
N VAL B 198 -8.53 -12.97 -25.11
CA VAL B 198 -9.49 -12.53 -24.11
C VAL B 198 -8.80 -12.20 -22.79
N PHE B 199 -7.69 -12.87 -22.49
CA PHE B 199 -6.97 -12.56 -21.26
C PHE B 199 -6.53 -11.10 -21.23
N THR B 200 -5.91 -10.63 -22.31
CA THR B 200 -5.49 -9.24 -22.38
C THR B 200 -6.69 -8.29 -22.42
N PHE B 201 -7.78 -8.69 -23.07
CA PHE B 201 -8.98 -7.86 -23.08
C PHE B 201 -9.52 -7.64 -21.67
N ALA B 202 -9.52 -8.71 -20.85
CA ALA B 202 -10.00 -8.59 -19.47
C ALA B 202 -9.06 -7.69 -18.66
N LYS B 203 -7.75 -7.80 -18.91
CA LYS B 203 -6.80 -6.89 -18.26
C LYS B 203 -7.10 -5.44 -18.62
N LYS B 204 -7.29 -5.17 -19.91
CA LYS B 204 -7.56 -3.80 -20.34
C LYS B 204 -8.88 -3.27 -19.82
N LEU B 205 -9.89 -4.13 -19.70
CA LEU B 205 -11.17 -3.72 -19.12
C LEU B 205 -11.09 -3.55 -17.62
N ALA B 206 -10.05 -4.10 -16.99
CA ALA B 206 -9.98 -4.23 -15.53
C ALA B 206 -11.25 -4.86 -14.97
N ALA B 207 -11.68 -5.95 -15.63
CA ALA B 207 -12.86 -6.73 -15.29
C ALA B 207 -12.48 -8.19 -15.06
N PRO B 208 -13.26 -8.92 -14.26
CA PRO B 208 -12.91 -10.33 -13.99
C PRO B 208 -13.03 -11.20 -15.24
N TYR B 209 -11.95 -11.95 -15.51
CA TYR B 209 -11.88 -12.78 -16.71
C TYR B 209 -13.06 -13.75 -16.81
N ASP B 210 -13.45 -14.38 -15.69
CA ASP B 210 -14.53 -15.36 -15.76
C ASP B 210 -15.84 -14.72 -16.23
N LEU B 211 -16.11 -13.49 -15.80
CA LEU B 211 -17.31 -12.79 -16.25
C LEU B 211 -17.20 -12.32 -17.69
N VAL B 212 -16.00 -11.93 -18.13
CA VAL B 212 -15.80 -11.61 -19.54
C VAL B 212 -16.08 -12.83 -20.40
N MET B 213 -15.57 -14.00 -19.99
CA MET B 213 -15.84 -15.22 -20.75
C MET B 213 -17.31 -15.60 -20.72
N GLN B 214 -17.98 -15.40 -19.58
CA GLN B 214 -19.42 -15.68 -19.52
C GLN B 214 -20.19 -14.78 -20.49
N THR B 215 -19.84 -13.50 -20.54
CA THR B 215 -20.49 -12.58 -21.47
C THR B 215 -20.24 -13.02 -22.91
N LYS B 216 -19.02 -13.48 -23.20
CA LYS B 216 -18.73 -13.99 -24.54
C LYS B 216 -19.60 -15.19 -24.89
N GLN B 217 -19.76 -16.13 -23.94
N GLN B 217 -19.77 -16.12 -23.93
CA GLN B 217 -20.56 -17.32 -24.24
CA GLN B 217 -20.56 -17.32 -24.20
C GLN B 217 -22.03 -16.96 -24.43
C GLN B 217 -22.03 -16.99 -24.38
N LEU B 218 -22.55 -16.02 -23.63
CA LEU B 218 -23.96 -15.66 -23.71
C LEU B 218 -24.27 -14.75 -24.88
N GLY B 219 -23.31 -13.94 -25.32
CA GLY B 219 -23.61 -12.95 -26.33
C GLY B 219 -24.37 -11.74 -25.80
N ARG B 220 -24.43 -11.59 -24.49
CA ARG B 220 -25.08 -10.46 -23.84
C ARG B 220 -24.62 -10.42 -22.40
N LEU B 221 -25.01 -9.36 -21.69
N LEU B 221 -25.04 -9.38 -21.69
CA LEU B 221 -24.67 -9.26 -20.28
CA LEU B 221 -24.70 -9.25 -20.28
C LEU B 221 -25.35 -10.39 -19.50
C LEU B 221 -25.35 -10.39 -19.50
N PRO B 222 -24.69 -10.91 -18.46
CA PRO B 222 -25.29 -11.98 -17.65
C PRO B 222 -26.46 -11.55 -16.80
N VAL B 223 -26.86 -10.28 -16.82
CA VAL B 223 -28.02 -9.78 -16.09
C VAL B 223 -28.81 -8.87 -17.03
N VAL B 224 -30.04 -8.55 -16.62
CA VAL B 224 -30.85 -7.64 -17.42
C VAL B 224 -30.19 -6.25 -17.46
N GLN B 225 -30.41 -5.56 -18.58
CA GLN B 225 -29.71 -4.32 -18.91
C GLN B 225 -30.76 -3.29 -19.34
N PHE B 226 -30.92 -2.24 -18.52
CA PHE B 226 -31.92 -1.20 -18.73
C PHE B 226 -31.23 0.11 -19.10
N ALA B 227 -31.97 0.96 -19.81
CA ALA B 227 -31.53 2.33 -20.05
C ALA B 227 -32.00 3.25 -18.93
N ALA B 228 -31.17 4.21 -18.56
CA ALA B 228 -31.54 5.19 -17.54
C ALA B 228 -30.72 6.45 -17.74
N GLY B 229 -31.30 7.59 -17.37
CA GLY B 229 -30.61 8.85 -17.41
C GLY B 229 -30.85 9.64 -18.68
N GLY B 230 -31.88 10.48 -18.70
CA GLY B 230 -32.18 11.31 -19.85
C GLY B 230 -33.28 10.79 -20.76
N VAL B 231 -33.95 9.70 -20.39
CA VAL B 231 -35.04 9.17 -21.21
C VAL B 231 -36.26 10.07 -21.01
N ALA B 232 -36.57 10.90 -22.01
CA ALA B 232 -37.56 11.96 -21.85
C ALA B 232 -38.83 11.75 -22.65
N THR B 233 -38.75 11.22 -23.86
CA THR B 233 -39.92 11.10 -24.72
C THR B 233 -40.20 9.66 -25.08
N PRO B 234 -41.39 9.34 -25.59
CA PRO B 234 -41.61 7.99 -26.13
C PRO B 234 -40.57 7.60 -27.18
N ALA B 235 -40.16 8.54 -28.03
CA ALA B 235 -39.14 8.23 -29.03
C ALA B 235 -37.83 7.81 -28.37
N ASP B 236 -37.42 8.50 -27.29
CA ASP B 236 -36.22 8.10 -26.56
C ASP B 236 -36.35 6.69 -26.03
N ALA B 237 -37.50 6.36 -25.44
CA ALA B 237 -37.67 5.05 -24.81
C ALA B 237 -37.61 3.95 -25.85
N ALA B 238 -38.28 4.14 -26.99
CA ALA B 238 -38.23 3.14 -28.04
C ALA B 238 -36.84 3.07 -28.67
N LEU B 239 -36.12 4.20 -28.75
CA LEU B 239 -34.74 4.17 -29.22
C LEU B 239 -33.89 3.23 -28.36
N MET B 240 -34.01 3.34 -27.04
CA MET B 240 -33.23 2.48 -26.15
C MET B 240 -33.59 1.01 -26.34
N MET B 241 -34.87 0.70 -26.53
CA MET B 241 -35.26 -0.68 -26.79
C MET B 241 -34.70 -1.18 -28.11
N GLN B 242 -34.72 -0.34 -29.15
CA GLN B 242 -34.20 -0.77 -30.44
C GLN B 242 -32.68 -0.96 -30.39
N LEU B 243 -31.98 -0.23 -29.52
CA LEU B 243 -30.55 -0.44 -29.32
C LEU B 243 -30.25 -1.70 -28.52
N GLY B 244 -31.27 -2.37 -27.98
CA GLY B 244 -31.09 -3.66 -27.33
C GLY B 244 -31.33 -3.69 -25.84
N CYS B 245 -31.80 -2.61 -25.23
CA CYS B 245 -32.04 -2.66 -23.79
C CYS B 245 -33.27 -3.51 -23.48
N ASP B 246 -33.33 -3.97 -22.21
CA ASP B 246 -34.45 -4.79 -21.74
C ASP B 246 -35.59 -3.97 -21.16
N GLY B 247 -35.41 -2.67 -20.99
CA GLY B 247 -36.39 -1.80 -20.37
C GLY B 247 -35.77 -0.45 -20.10
N VAL B 248 -36.55 0.43 -19.48
CA VAL B 248 -36.08 1.80 -19.21
C VAL B 248 -36.53 2.27 -17.82
N PHE B 249 -35.71 3.13 -17.22
CA PHE B 249 -36.08 3.96 -16.09
C PHE B 249 -36.42 5.36 -16.60
N VAL B 250 -37.44 5.97 -16.02
CA VAL B 250 -37.79 7.36 -16.31
C VAL B 250 -37.96 8.12 -15.00
N GLY B 251 -37.71 9.43 -15.05
CA GLY B 251 -37.67 10.27 -13.88
C GLY B 251 -38.96 11.03 -13.64
N SER B 252 -38.87 12.07 -12.81
CA SER B 252 -40.04 12.80 -12.33
C SER B 252 -40.68 13.69 -13.39
N GLY B 253 -40.04 13.87 -14.54
CA GLY B 253 -40.62 14.69 -15.60
C GLY B 253 -42.01 14.25 -16.01
N ILE B 254 -42.33 12.97 -15.80
CA ILE B 254 -43.66 12.46 -16.10
C ILE B 254 -44.72 13.23 -15.32
N PHE B 255 -44.43 13.54 -14.06
CA PHE B 255 -45.40 14.20 -13.20
C PHE B 255 -45.29 15.71 -13.21
N LYS B 256 -44.41 16.28 -14.03
N LYS B 256 -44.41 16.28 -14.04
CA LYS B 256 -44.33 17.72 -14.22
CA LYS B 256 -44.24 17.72 -14.07
C LYS B 256 -45.27 18.22 -15.30
C LYS B 256 -45.27 18.42 -14.95
N SER B 257 -45.89 17.33 -16.07
N SER B 257 -45.71 17.79 -16.03
CA SER B 257 -46.78 17.72 -17.14
CA SER B 257 -46.61 18.40 -16.97
C SER B 257 -48.21 17.90 -16.63
C SER B 257 -48.07 18.25 -16.51
N GLY B 258 -49.07 18.40 -17.51
N GLY B 258 -49.01 18.51 -17.41
CA GLY B 258 -50.46 18.62 -17.16
CA GLY B 258 -50.41 18.58 -17.06
C GLY B 258 -51.30 17.36 -17.09
C GLY B 258 -51.12 17.26 -16.85
N ASP B 259 -50.84 16.27 -17.69
CA ASP B 259 -51.54 14.99 -17.69
C ASP B 259 -50.55 13.87 -17.40
N PRO B 260 -50.23 13.63 -16.13
CA PRO B 260 -49.23 12.59 -15.81
C PRO B 260 -49.64 11.19 -16.23
N ALA B 261 -50.91 10.82 -16.04
CA ALA B 261 -51.35 9.49 -16.43
C ALA B 261 -51.11 9.25 -17.92
N ARG B 262 -51.39 10.26 -18.75
CA ARG B 262 -51.20 10.10 -20.18
C ARG B 262 -49.72 9.98 -20.54
N ARG B 263 -48.86 10.79 -19.92
N ARG B 263 -48.87 10.79 -19.91
CA ARG B 263 -47.45 10.72 -20.27
CA ARG B 263 -47.44 10.76 -20.21
C ARG B 263 -46.83 9.41 -19.77
C ARG B 263 -46.81 9.46 -19.74
N ALA B 264 -47.23 8.95 -18.58
CA ALA B 264 -46.72 7.68 -18.09
C ALA B 264 -47.14 6.54 -19.00
N ARG B 265 -48.41 6.54 -19.41
CA ARG B 265 -48.90 5.51 -20.33
C ARG B 265 -48.14 5.54 -21.65
N ALA B 266 -47.80 6.74 -22.13
CA ALA B 266 -47.11 6.86 -23.41
C ALA B 266 -45.75 6.17 -23.38
N ILE B 267 -45.00 6.34 -22.29
CA ILE B 267 -43.70 5.66 -22.18
C ILE B 267 -43.89 4.15 -22.11
N VAL B 268 -44.85 3.68 -21.31
CA VAL B 268 -45.12 2.25 -21.21
C VAL B 268 -45.43 1.67 -22.58
N GLN B 269 -46.30 2.34 -23.35
CA GLN B 269 -46.65 1.85 -24.67
C GLN B 269 -45.47 1.90 -25.62
N ALA B 270 -44.63 2.93 -25.51
CA ALA B 270 -43.47 3.01 -26.39
C ALA B 270 -42.51 1.86 -26.13
N VAL B 271 -42.38 1.40 -24.89
CA VAL B 271 -41.49 0.28 -24.61
C VAL B 271 -42.12 -1.05 -25.03
N THR B 272 -43.42 -1.22 -24.79
CA THR B 272 -44.10 -2.44 -25.19
C THR B 272 -44.16 -2.59 -26.70
N HIS B 273 -44.29 -1.48 -27.42
CA HIS B 273 -44.51 -1.47 -28.86
C HIS B 273 -43.42 -0.72 -29.59
N TYR B 274 -42.16 -0.95 -29.21
CA TYR B 274 -41.07 -0.09 -29.66
C TYR B 274 -40.80 -0.18 -31.15
N SER B 275 -41.22 -1.26 -31.81
CA SER B 275 -40.99 -1.42 -33.23
C SER B 275 -42.22 -1.06 -34.07
N ASP B 276 -43.22 -0.39 -33.48
CA ASP B 276 -44.45 -0.03 -34.16
C ASP B 276 -44.51 1.48 -34.33
N PRO B 277 -44.08 2.04 -35.46
CA PRO B 277 -44.09 3.50 -35.62
C PRO B 277 -45.48 4.11 -35.52
N GLU B 278 -46.52 3.38 -35.94
CA GLU B 278 -47.88 3.88 -35.80
C GLU B 278 -48.24 4.10 -34.34
N MET B 279 -47.89 3.15 -33.48
CA MET B 279 -48.13 3.33 -32.04
C MET B 279 -47.33 4.51 -31.50
N LEU B 280 -46.07 4.64 -31.95
CA LEU B 280 -45.24 5.73 -31.45
C LEU B 280 -45.79 7.10 -31.85
N VAL B 281 -46.32 7.22 -33.07
CA VAL B 281 -47.00 8.44 -33.46
C VAL B 281 -48.21 8.70 -32.56
N GLU B 282 -49.03 7.68 -32.35
CA GLU B 282 -50.27 7.87 -31.60
C GLU B 282 -50.00 8.34 -30.18
N VAL B 283 -49.03 7.74 -29.50
CA VAL B 283 -48.78 8.13 -28.12
C VAL B 283 -48.01 9.45 -28.03
N SER B 284 -47.32 9.85 -29.10
CA SER B 284 -46.60 11.11 -29.10
C SER B 284 -47.46 12.28 -29.53
N CYS B 285 -48.53 12.04 -30.29
CA CYS B 285 -49.32 13.11 -30.89
C CYS B 285 -50.05 13.89 -29.82
N GLY B 286 -49.76 15.19 -29.70
CA GLY B 286 -50.39 16.01 -28.70
C GLY B 286 -49.84 15.84 -27.31
N LEU B 287 -48.68 15.20 -27.16
CA LEU B 287 -48.10 14.94 -25.85
C LEU B 287 -47.23 16.12 -25.43
N SER C 21 -8.76 -31.57 -11.51
CA SER C 21 -8.69 -30.84 -12.78
C SER C 21 -7.32 -31.00 -13.42
N PRO C 22 -7.25 -30.90 -14.75
CA PRO C 22 -5.94 -30.95 -15.41
C PRO C 22 -4.97 -29.91 -14.89
N PHE C 23 -5.46 -28.69 -14.60
CA PHE C 23 -4.58 -27.67 -14.05
C PHE C 23 -4.02 -28.09 -12.70
N SER C 24 -4.85 -28.67 -11.83
CA SER C 24 -4.36 -29.07 -10.52
C SER C 24 -3.29 -30.15 -10.62
N VAL C 25 -3.40 -31.04 -11.61
CA VAL C 25 -2.36 -32.05 -11.83
C VAL C 25 -1.04 -31.39 -12.22
N LYS C 26 -1.09 -30.39 -13.09
CA LYS C 26 0.13 -29.65 -13.45
C LYS C 26 0.71 -28.91 -12.26
N VAL C 27 -0.15 -28.30 -11.44
CA VAL C 27 0.32 -27.62 -10.24
C VAL C 27 1.02 -28.60 -9.32
N GLY C 28 0.47 -29.82 -9.19
CA GLY C 28 1.11 -30.83 -8.37
C GLY C 28 2.45 -31.28 -8.88
N LEU C 29 2.63 -31.33 -10.21
CA LEU C 29 3.93 -31.67 -10.76
C LEU C 29 4.99 -30.66 -10.34
N ALA C 30 4.69 -29.36 -10.47
CA ALA C 30 5.66 -28.35 -10.10
C ALA C 30 5.97 -28.38 -8.60
N GLN C 31 5.01 -28.81 -7.79
CA GLN C 31 5.23 -28.88 -6.36
C GLN C 31 6.33 -29.88 -5.99
N MET C 32 6.61 -30.86 -6.85
N MET C 32 6.61 -30.86 -6.85
CA MET C 32 7.70 -31.80 -6.61
CA MET C 32 7.69 -31.80 -6.58
C MET C 32 9.06 -31.12 -6.63
C MET C 32 9.07 -31.15 -6.68
N LEU C 33 9.16 -29.93 -7.21
CA LEU C 33 10.42 -29.20 -7.32
C LEU C 33 10.74 -28.37 -6.08
N ARG C 34 9.83 -28.30 -5.12
CA ARG C 34 10.06 -27.49 -3.92
C ARG C 34 11.37 -27.89 -3.25
N GLY C 35 12.14 -26.86 -2.84
CA GLY C 35 13.44 -27.06 -2.25
C GLY C 35 14.57 -27.29 -3.23
N GLY C 36 14.34 -27.06 -4.53
CA GLY C 36 15.29 -27.44 -5.55
C GLY C 36 15.94 -26.26 -6.26
N VAL C 37 17.01 -26.59 -6.99
CA VAL C 37 17.72 -25.66 -7.87
C VAL C 37 17.57 -26.16 -9.29
N ILE C 38 17.21 -25.26 -10.20
CA ILE C 38 17.13 -25.53 -11.63
C ILE C 38 18.30 -24.83 -12.30
N MET C 39 19.04 -25.58 -13.13
CA MET C 39 20.29 -25.09 -13.72
C MET C 39 20.19 -25.03 -15.23
N ASP C 40 20.59 -23.89 -15.80
CA ASP C 40 20.76 -23.77 -17.25
C ASP C 40 21.92 -24.65 -17.69
N VAL C 41 21.70 -25.44 -18.75
CA VAL C 41 22.73 -26.30 -19.31
C VAL C 41 22.68 -26.20 -20.83
N VAL C 42 23.86 -26.20 -21.46
CA VAL C 42 23.96 -26.05 -22.91
C VAL C 42 24.33 -27.34 -23.63
N ASN C 43 24.61 -28.42 -22.90
CA ASN C 43 24.93 -29.70 -23.52
C ASN C 43 24.71 -30.81 -22.51
N ALA C 44 24.87 -32.05 -22.98
CA ALA C 44 24.64 -33.21 -22.13
C ALA C 44 25.65 -33.29 -20.99
N GLU C 45 26.88 -32.84 -21.21
CA GLU C 45 27.88 -32.90 -20.15
C GLU C 45 27.49 -32.00 -18.99
N GLN C 46 27.04 -30.78 -19.28
CA GLN C 46 26.59 -29.88 -18.22
C GLN C 46 25.35 -30.43 -17.54
N ALA C 47 24.44 -31.04 -18.32
CA ALA C 47 23.25 -31.63 -17.72
C ALA C 47 23.63 -32.71 -16.70
N ARG C 48 24.61 -33.55 -17.03
N ARG C 48 24.61 -33.55 -17.03
CA ARG C 48 25.01 -34.61 -16.10
CA ARG C 48 25.01 -34.60 -16.10
C ARG C 48 25.68 -34.01 -14.86
C ARG C 48 25.68 -34.01 -14.86
N ILE C 49 26.46 -32.94 -15.03
CA ILE C 49 27.05 -32.29 -13.87
C ILE C 49 25.98 -31.70 -12.96
N ALA C 50 24.96 -31.08 -13.56
CA ALA C 50 23.86 -30.54 -12.78
C ALA C 50 23.15 -31.64 -11.99
N GLU C 51 22.81 -32.75 -12.66
CA GLU C 51 22.12 -33.83 -11.98
C GLU C 51 22.96 -34.42 -10.86
N GLU C 52 24.24 -34.66 -11.14
CA GLU C 52 25.12 -35.24 -10.13
C GLU C 52 25.30 -34.31 -8.94
N ALA C 53 25.16 -32.99 -9.15
CA ALA C 53 25.29 -32.04 -8.05
C ALA C 53 24.02 -31.93 -7.21
N GLY C 54 22.92 -32.53 -7.65
CA GLY C 54 21.67 -32.47 -6.91
C GLY C 54 20.62 -31.52 -7.45
N ALA C 55 20.77 -31.02 -8.67
CA ALA C 55 19.76 -30.15 -9.24
C ALA C 55 18.44 -30.88 -9.35
N CYS C 56 17.33 -30.14 -9.16
CA CYS C 56 16.01 -30.76 -9.26
C CYS C 56 15.52 -30.84 -10.69
N ALA C 57 16.08 -30.04 -11.59
CA ALA C 57 15.72 -30.03 -12.99
C ALA C 57 16.80 -29.25 -13.73
N VAL C 58 16.82 -29.39 -15.06
CA VAL C 58 17.73 -28.61 -15.89
C VAL C 58 16.92 -27.84 -16.94
N MET C 59 17.46 -26.70 -17.34
CA MET C 59 16.88 -25.84 -18.36
C MET C 59 17.80 -25.93 -19.59
N ALA C 60 17.31 -26.58 -20.64
CA ALA C 60 18.09 -26.74 -21.86
C ALA C 60 18.06 -25.44 -22.67
N LEU C 61 19.23 -24.95 -23.04
CA LEU C 61 19.29 -23.77 -23.90
C LEU C 61 20.62 -23.72 -24.64
N GLU C 62 20.55 -23.46 -25.95
N GLU C 62 20.57 -23.23 -25.88
CA GLU C 62 21.67 -23.76 -26.84
CA GLU C 62 21.79 -22.99 -26.64
C GLU C 62 22.72 -22.66 -26.88
C GLU C 62 22.52 -21.74 -26.19
N ARG C 63 22.31 -21.40 -26.74
N ARG C 63 21.80 -20.64 -25.94
CA ARG C 63 23.24 -20.29 -26.66
CA ARG C 63 22.41 -19.35 -25.68
C ARG C 63 22.72 -19.30 -25.64
C ARG C 63 21.98 -18.81 -24.31
N VAL C 64 23.64 -18.58 -25.02
N VAL C 64 22.93 -18.24 -23.59
CA VAL C 64 23.28 -17.52 -24.07
CA VAL C 64 22.72 -17.76 -22.22
C VAL C 64 22.48 -16.46 -24.82
C VAL C 64 22.36 -16.27 -22.24
N PRO C 65 21.22 -16.24 -24.45
N PRO C 65 21.59 -15.78 -21.27
CA PRO C 65 20.42 -15.24 -25.20
CA PRO C 65 21.24 -14.35 -21.25
C PRO C 65 21.00 -13.84 -25.19
C PRO C 65 22.45 -13.43 -21.25
N ALA C 66 21.80 -13.50 -24.16
N ALA C 66 23.55 -13.82 -20.63
CA ALA C 66 22.45 -12.20 -24.15
CA ALA C 66 24.76 -12.99 -20.68
C ALA C 66 23.50 -12.10 -25.24
C ALA C 66 25.26 -12.82 -22.10
N ASP C 67 24.25 -13.19 -25.48
N ASP C 67 25.09 -13.85 -22.95
CA ASP C 67 25.22 -13.19 -26.56
CA ASP C 67 25.44 -13.73 -24.36
C ASP C 67 24.53 -13.07 -27.92
C ASP C 67 24.35 -12.99 -25.14
N ILE C 68 23.36 -13.70 -28.07
N ILE C 68 23.08 -13.18 -24.75
CA ILE C 68 22.62 -13.61 -29.32
CA ILE C 68 21.99 -12.51 -25.44
C ILE C 68 22.21 -12.17 -29.59
C ILE C 68 22.08 -11.00 -25.25
N ARG C 69 21.66 -11.49 -28.58
N ARG C 69 22.42 -10.56 -24.02
CA ARG C 69 21.25 -10.10 -28.74
CA ARG C 69 22.60 -9.15 -23.74
C ARG C 69 22.43 -9.16 -28.90
C ARG C 69 23.87 -8.58 -24.35
N ALA C 70 23.61 -9.55 -28.43
N ALA C 70 24.71 -9.40 -24.98
CA ALA C 70 24.78 -8.67 -28.52
CA ALA C 70 26.02 -8.97 -25.47
C ALA C 70 25.19 -8.44 -29.98
C ALA C 70 26.03 -8.88 -27.00
N GLN C 71 25.34 -9.53 -30.74
N GLN C 71 25.91 -10.00 -27.70
CA GLN C 71 25.75 -9.45 -32.14
CA GLN C 71 26.04 -10.03 -29.15
C GLN C 71 24.58 -9.29 -33.10
C GLN C 71 24.74 -9.77 -29.88
N GLY C 72 23.53 -8.61 -32.69
N GLY C 72 23.65 -9.52 -29.17
CA GLY C 72 22.38 -8.39 -33.56
CA GLY C 72 22.39 -9.17 -29.80
C GLY C 72 21.68 -9.66 -33.97
C GLY C 72 21.82 -10.28 -30.68
N GLY C 73 20.89 -10.24 -33.07
N GLY C 73 20.86 -9.87 -31.51
CA GLY C 73 20.20 -11.48 -33.37
CA GLY C 73 20.20 -10.78 -32.42
C GLY C 73 18.92 -11.62 -32.57
C GLY C 73 19.00 -11.47 -31.79
N VAL C 74 18.11 -12.59 -32.97
N VAL C 74 18.21 -12.12 -32.65
CA VAL C 74 16.85 -12.91 -32.32
CA VAL C 74 17.00 -12.79 -32.21
C VAL C 74 17.02 -14.24 -31.60
C VAL C 74 17.36 -14.05 -31.44
N ALA C 75 16.70 -14.26 -30.30
CA ALA C 75 16.87 -15.46 -29.49
C ALA C 75 15.55 -16.24 -29.50
N ARG C 76 15.60 -17.48 -29.97
CA ARG C 76 14.40 -18.30 -30.21
C ARG C 76 14.49 -19.60 -29.40
N MET C 77 13.44 -20.41 -29.56
CA MET C 77 13.48 -21.81 -29.13
C MET C 77 14.75 -22.48 -29.65
N SER C 78 15.35 -23.31 -28.80
CA SER C 78 16.55 -24.03 -29.19
C SER C 78 16.20 -25.17 -30.15
N ASP C 79 17.23 -25.63 -30.87
CA ASP C 79 17.05 -26.74 -31.80
C ASP C 79 16.54 -27.96 -31.04
N PRO C 80 15.45 -28.59 -31.50
CA PRO C 80 14.98 -29.81 -30.83
C PRO C 80 16.04 -30.88 -30.67
N GLN C 81 17.02 -30.94 -31.58
CA GLN C 81 18.05 -31.96 -31.47
C GLN C 81 18.90 -31.77 -30.22
N MET C 82 19.26 -30.53 -29.89
CA MET C 82 20.04 -30.32 -28.68
C MET C 82 19.20 -30.57 -27.43
N ILE C 83 17.90 -30.28 -27.49
CA ILE C 83 17.05 -30.52 -26.33
C ILE C 83 16.89 -32.01 -26.09
N LYS C 84 16.68 -32.79 -27.17
CA LYS C 84 16.58 -34.24 -27.03
C LYS C 84 17.84 -34.82 -26.42
N GLU C 85 19.01 -34.35 -26.85
CA GLU C 85 20.27 -34.87 -26.32
C GLU C 85 20.35 -34.66 -24.82
N ILE C 86 19.88 -33.52 -24.32
CA ILE C 86 19.88 -33.25 -22.89
C ILE C 86 18.86 -34.14 -22.18
N LYS C 87 17.66 -34.28 -22.76
CA LYS C 87 16.62 -35.09 -22.15
C LYS C 87 17.05 -36.55 -22.01
N GLN C 88 17.81 -37.05 -22.99
CA GLN C 88 18.28 -38.43 -22.94
C GLN C 88 19.40 -38.62 -21.92
N ALA C 89 20.08 -37.55 -21.50
CA ALA C 89 21.24 -37.66 -20.65
C ALA C 89 20.92 -37.68 -19.17
N VAL C 90 19.72 -37.27 -18.77
CA VAL C 90 19.39 -37.13 -17.35
C VAL C 90 18.02 -37.73 -17.07
N THR C 91 17.80 -38.05 -15.80
N THR C 91 17.78 -38.04 -15.79
CA THR C 91 16.51 -38.54 -15.32
CA THR C 91 16.48 -38.53 -15.36
C THR C 91 15.65 -37.44 -14.72
C THR C 91 15.64 -37.48 -14.64
N ILE C 92 16.26 -36.39 -14.16
CA ILE C 92 15.52 -35.29 -13.57
C ILE C 92 14.77 -34.58 -14.68
N PRO C 93 13.74 -33.78 -14.38
CA PRO C 93 12.96 -33.14 -15.44
C PRO C 93 13.78 -32.13 -16.25
N VAL C 94 13.36 -31.94 -17.50
CA VAL C 94 14.01 -31.01 -18.43
C VAL C 94 13.01 -29.94 -18.82
N MET C 95 13.42 -28.67 -18.70
CA MET C 95 12.66 -27.53 -19.17
C MET C 95 13.33 -26.95 -20.40
N ALA C 96 12.56 -26.22 -21.21
CA ALA C 96 13.10 -25.47 -22.32
C ALA C 96 12.25 -24.22 -22.54
N LYS C 97 12.82 -23.22 -23.21
CA LYS C 97 12.17 -21.92 -23.33
C LYS C 97 11.43 -21.76 -24.65
N ALA C 98 10.30 -21.09 -24.59
CA ALA C 98 9.60 -20.60 -25.77
C ALA C 98 9.45 -19.09 -25.67
N ARG C 99 9.49 -18.41 -26.82
CA ARG C 99 9.29 -16.98 -26.84
C ARG C 99 7.89 -16.63 -26.37
N ILE C 100 7.75 -15.47 -25.70
CA ILE C 100 6.45 -15.04 -25.21
C ILE C 100 5.49 -14.92 -26.37
N GLY C 101 4.34 -15.59 -26.24
CA GLY C 101 3.33 -15.59 -27.29
C GLY C 101 3.56 -16.59 -28.40
N HIS C 102 4.70 -17.29 -28.44
CA HIS C 102 4.98 -18.16 -29.59
C HIS C 102 4.43 -19.55 -29.30
N PHE C 103 3.12 -19.71 -29.50
CA PHE C 103 2.46 -20.96 -29.13
C PHE C 103 2.91 -22.15 -29.99
N VAL C 104 3.45 -21.90 -31.19
CA VAL C 104 3.91 -23.03 -31.99
C VAL C 104 5.25 -23.55 -31.49
N GLU C 105 6.14 -22.65 -31.04
CA GLU C 105 7.33 -23.13 -30.36
C GLU C 105 6.96 -24.03 -29.19
N ALA C 106 5.92 -23.66 -28.45
CA ALA C 106 5.49 -24.48 -27.33
C ALA C 106 4.93 -25.82 -27.81
N GLN C 107 4.20 -25.83 -28.94
CA GLN C 107 3.69 -27.11 -29.47
C GLN C 107 4.84 -28.04 -29.82
N ILE C 108 5.93 -27.49 -30.38
CA ILE C 108 7.09 -28.29 -30.73
C ILE C 108 7.77 -28.83 -29.46
N LEU C 109 8.00 -27.95 -28.47
CA LEU C 109 8.61 -28.40 -27.22
C LEU C 109 7.81 -29.53 -26.58
N GLU C 110 6.48 -29.39 -26.54
CA GLU C 110 5.65 -30.45 -25.96
C GLU C 110 5.81 -31.74 -26.74
N ALA C 111 5.88 -31.66 -28.07
CA ALA C 111 6.01 -32.85 -28.89
C ALA C 111 7.37 -33.53 -28.75
N ILE C 112 8.40 -32.82 -28.28
CA ILE C 112 9.69 -33.45 -28.01
C ILE C 112 9.61 -34.36 -26.79
N GLY C 113 8.65 -34.14 -25.90
CA GLY C 113 8.54 -34.95 -24.70
C GLY C 113 9.28 -34.41 -23.49
N ILE C 114 9.56 -33.11 -23.44
CA ILE C 114 10.17 -32.57 -22.24
C ILE C 114 9.11 -32.35 -21.16
N ASP C 115 9.54 -31.81 -20.02
CA ASP C 115 8.68 -31.82 -18.84
C ASP C 115 8.04 -30.48 -18.54
N TYR C 116 8.69 -29.37 -18.89
CA TYR C 116 8.17 -28.05 -18.60
C TYR C 116 8.55 -27.12 -19.75
N ILE C 117 7.69 -26.14 -20.01
CA ILE C 117 8.02 -25.04 -20.92
C ILE C 117 8.13 -23.77 -20.10
N ASP C 118 9.21 -23.01 -20.30
CA ASP C 118 9.40 -21.70 -19.70
C ASP C 118 9.08 -20.66 -20.78
N GLU C 119 7.93 -19.99 -20.65
CA GLU C 119 7.58 -18.90 -21.56
C GLU C 119 8.39 -17.70 -21.10
N SER C 120 9.45 -17.36 -21.84
CA SER C 120 10.57 -16.63 -21.25
C SER C 120 10.83 -15.29 -21.92
N GLU C 121 10.83 -14.23 -21.11
CA GLU C 121 11.25 -12.90 -21.55
C GLU C 121 12.75 -12.81 -21.82
N VAL C 122 13.52 -13.84 -21.50
N VAL C 122 13.54 -13.83 -21.51
CA VAL C 122 14.93 -13.84 -21.86
CA VAL C 122 14.94 -13.78 -21.88
C VAL C 122 15.10 -14.02 -23.36
C VAL C 122 15.14 -14.08 -23.37
N LEU C 123 14.20 -14.80 -23.99
CA LEU C 123 14.19 -14.89 -25.44
C LEU C 123 13.51 -13.65 -26.01
N THR C 124 13.61 -13.48 -27.33
CA THR C 124 13.04 -12.30 -27.96
C THR C 124 11.52 -12.40 -28.00
N LEU C 125 10.85 -11.35 -27.50
CA LEU C 125 9.40 -11.29 -27.51
C LEU C 125 8.84 -11.58 -28.90
N ALA C 126 7.86 -12.49 -28.99
CA ALA C 126 7.23 -12.79 -30.27
C ALA C 126 5.85 -12.17 -30.44
N ASP C 127 5.15 -11.86 -29.36
CA ASP C 127 3.83 -11.22 -29.40
C ASP C 127 3.82 -10.14 -28.33
N GLU C 128 3.74 -8.87 -28.75
CA GLU C 128 3.85 -7.78 -27.79
C GLU C 128 2.63 -7.68 -26.88
N ASP C 129 1.48 -8.24 -27.29
CA ASP C 129 0.24 -7.99 -26.58
C ASP C 129 -0.36 -9.20 -25.88
N HIS C 130 0.07 -10.41 -26.20
CA HIS C 130 -0.56 -11.61 -25.66
C HIS C 130 0.48 -12.67 -25.35
N HIS C 131 0.27 -13.38 -24.24
CA HIS C 131 1.03 -14.57 -23.90
C HIS C 131 0.34 -15.81 -24.49
N ILE C 132 1.04 -16.94 -24.40
CA ILE C 132 0.49 -18.22 -24.84
C ILE C 132 -0.69 -18.62 -23.97
N ASN C 133 -1.73 -19.17 -24.60
CA ASN C 133 -2.85 -19.78 -23.89
C ASN C 133 -2.36 -21.13 -23.40
N LYS C 134 -1.85 -21.16 -22.17
CA LYS C 134 -1.18 -22.33 -21.65
C LYS C 134 -2.15 -23.45 -21.27
N HIS C 135 -3.43 -23.15 -21.10
CA HIS C 135 -4.41 -24.20 -20.87
C HIS C 135 -4.58 -25.14 -22.06
N ASN C 136 -4.08 -24.76 -23.25
CA ASN C 136 -4.19 -25.60 -24.43
C ASN C 136 -3.15 -26.72 -24.49
N PHE C 137 -2.33 -26.88 -23.45
CA PHE C 137 -1.23 -27.84 -23.45
C PHE C 137 -1.39 -28.83 -22.29
N ARG C 138 -0.82 -30.02 -22.46
CA ARG C 138 -0.76 -30.99 -21.36
C ARG C 138 0.42 -30.71 -20.44
N ILE C 139 1.52 -30.20 -20.99
CA ILE C 139 2.78 -30.00 -20.27
C ILE C 139 2.65 -28.76 -19.38
N PRO C 140 3.20 -28.76 -18.16
CA PRO C 140 3.16 -27.54 -17.34
C PRO C 140 4.10 -26.46 -17.85
N PHE C 141 3.68 -25.20 -17.63
CA PHE C 141 4.46 -24.01 -17.97
C PHE C 141 4.93 -23.31 -16.70
N VAL C 142 6.12 -22.73 -16.77
CA VAL C 142 6.55 -21.71 -15.82
C VAL C 142 6.57 -20.37 -16.54
N CYS C 143 6.11 -19.32 -15.86
CA CYS C 143 6.15 -17.96 -16.36
C CYS C 143 6.80 -17.05 -15.32
N GLY C 144 7.36 -15.94 -15.82
CA GLY C 144 7.93 -14.94 -14.94
C GLY C 144 6.91 -13.92 -14.44
N CYS C 145 7.32 -13.14 -13.44
CA CYS C 145 6.49 -12.06 -12.94
C CYS C 145 7.37 -11.04 -12.21
N ARG C 146 6.86 -9.83 -12.10
CA ARG C 146 7.50 -8.77 -11.33
C ARG C 146 6.63 -8.26 -10.19
N ASN C 147 5.37 -8.68 -10.13
CA ASN C 147 4.42 -8.22 -9.13
C ASN C 147 3.26 -9.22 -9.12
N LEU C 148 2.34 -9.02 -8.18
CA LEU C 148 1.25 -9.96 -8.00
C LEU C 148 0.29 -9.96 -9.19
N GLY C 149 0.06 -8.79 -9.79
CA GLY C 149 -0.82 -8.73 -10.95
C GLY C 149 -0.30 -9.59 -12.09
N GLU C 150 0.99 -9.46 -12.41
CA GLU C 150 1.57 -10.31 -13.45
C GLU C 150 1.49 -11.79 -13.07
N ALA C 151 1.78 -12.12 -11.82
CA ALA C 151 1.73 -13.53 -11.41
C ALA C 151 0.35 -14.13 -11.63
N LEU C 152 -0.69 -13.43 -11.19
CA LEU C 152 -2.04 -13.97 -11.30
C LEU C 152 -2.53 -14.00 -12.75
N ARG C 153 -2.13 -13.03 -13.57
CA ARG C 153 -2.49 -13.08 -14.99
C ARG C 153 -1.85 -14.29 -15.68
N ARG C 154 -0.57 -14.56 -15.41
CA ARG C 154 0.06 -15.74 -15.98
C ARG C 154 -0.62 -17.01 -15.51
N ILE C 155 -0.97 -17.08 -14.22
CA ILE C 155 -1.69 -18.24 -13.70
C ILE C 155 -3.03 -18.41 -14.39
N ARG C 156 -3.78 -17.32 -14.59
CA ARG C 156 -5.08 -17.45 -15.26
C ARG C 156 -4.93 -17.94 -16.69
N GLU C 157 -3.84 -17.54 -17.37
CA GLU C 157 -3.55 -18.07 -18.69
C GLU C 157 -3.16 -19.53 -18.67
N GLY C 158 -2.87 -20.09 -17.49
CA GLY C 158 -2.58 -21.51 -17.36
C GLY C 158 -1.22 -21.85 -16.81
N ALA C 159 -0.39 -20.88 -16.39
CA ALA C 159 0.92 -21.21 -15.83
C ALA C 159 0.75 -22.02 -14.55
N ALA C 160 1.50 -23.10 -14.43
CA ALA C 160 1.45 -23.98 -13.28
C ALA C 160 2.56 -23.70 -12.29
N MET C 161 3.44 -22.74 -12.59
CA MET C 161 4.61 -22.43 -11.79
C MET C 161 5.01 -21.01 -12.12
N ILE C 162 5.49 -20.27 -11.12
CA ILE C 162 5.86 -18.86 -11.29
C ILE C 162 7.29 -18.66 -10.83
N ARG C 163 8.03 -17.84 -11.55
CA ARG C 163 9.34 -17.38 -11.12
C ARG C 163 9.37 -15.86 -11.19
N THR C 164 10.31 -15.25 -10.47
CA THR C 164 10.54 -13.82 -10.66
C THR C 164 11.23 -13.65 -12.01
N LYS C 165 11.15 -12.46 -12.58
CA LYS C 165 11.97 -12.16 -13.79
C LYS C 165 13.36 -11.79 -13.34
N GLY C 166 13.47 -11.12 -12.20
CA GLY C 166 14.76 -10.62 -11.78
C GLY C 166 15.42 -9.79 -12.88
N GLU C 167 16.74 -9.90 -12.99
CA GLU C 167 17.51 -9.23 -14.02
C GLU C 167 18.41 -10.25 -14.69
N ALA C 168 18.25 -10.42 -15.99
CA ALA C 168 19.01 -11.43 -16.73
C ALA C 168 20.39 -10.91 -17.09
N GLY C 169 21.36 -11.83 -17.12
CA GLY C 169 22.67 -11.53 -17.65
C GLY C 169 23.54 -10.57 -16.87
N THR C 170 23.28 -10.36 -15.58
CA THR C 170 24.09 -9.44 -14.78
C THR C 170 24.67 -10.03 -13.51
N GLY C 171 24.07 -11.07 -12.95
CA GLY C 171 24.48 -11.52 -11.63
C GLY C 171 24.08 -10.61 -10.49
N ASN C 172 23.25 -9.61 -10.75
CA ASN C 172 22.81 -8.65 -9.74
C ASN C 172 21.45 -9.09 -9.20
N ILE C 173 21.40 -9.35 -7.89
CA ILE C 173 20.20 -9.89 -7.25
C ILE C 173 19.13 -8.83 -6.98
N ILE C 174 19.40 -7.55 -7.23
CA ILE C 174 18.54 -6.49 -6.70
C ILE C 174 17.12 -6.57 -7.29
N GLU C 175 16.99 -6.91 -8.56
CA GLU C 175 15.65 -6.95 -9.16
C GLU C 175 14.85 -8.16 -8.68
N ALA C 176 15.50 -9.30 -8.50
CA ALA C 176 14.79 -10.46 -7.94
C ALA C 176 14.29 -10.17 -6.53
N VAL C 177 15.10 -9.48 -5.72
CA VAL C 177 14.65 -9.06 -4.40
C VAL C 177 13.42 -8.17 -4.50
N ARG C 178 13.47 -7.18 -5.42
CA ARG C 178 12.31 -6.31 -5.64
C ARG C 178 11.07 -7.13 -5.99
N HIS C 179 11.21 -8.09 -6.91
CA HIS C 179 10.05 -8.84 -7.36
C HIS C 179 9.49 -9.74 -6.26
N VAL C 180 10.37 -10.44 -5.54
N VAL C 180 10.35 -10.41 -5.50
CA VAL C 180 9.92 -11.28 -4.42
CA VAL C 180 9.85 -11.28 -4.44
C VAL C 180 9.20 -10.42 -3.38
C VAL C 180 9.22 -10.47 -3.31
N ARG C 181 9.82 -9.31 -2.98
CA ARG C 181 9.20 -8.47 -1.97
C ARG C 181 7.87 -7.88 -2.44
N SER C 182 7.76 -7.59 -3.74
CA SER C 182 6.51 -7.05 -4.27
C SER C 182 5.41 -8.10 -4.20
N VAL C 183 5.66 -9.29 -4.73
CA VAL C 183 4.65 -10.36 -4.71
C VAL C 183 4.31 -10.73 -3.28
N ASN C 184 5.32 -11.00 -2.45
CA ASN C 184 5.04 -11.41 -1.08
C ASN C 184 4.36 -10.31 -0.29
N GLY C 185 4.75 -9.05 -0.52
CA GLY C 185 4.15 -7.95 0.22
C GLY C 185 2.68 -7.78 -0.10
N ASP C 186 2.30 -7.87 -1.38
CA ASP C 186 0.89 -7.74 -1.73
C ASP C 186 0.08 -8.95 -1.26
N ILE C 187 0.69 -10.14 -1.22
CA ILE C 187 -0.02 -11.28 -0.65
C ILE C 187 -0.31 -11.05 0.82
N ARG C 188 0.68 -10.53 1.56
CA ARG C 188 0.47 -10.23 2.98
C ARG C 188 -0.60 -9.18 3.18
N VAL C 189 -0.62 -8.14 2.32
CA VAL C 189 -1.65 -7.11 2.42
C VAL C 189 -3.03 -7.74 2.23
N LEU C 190 -3.13 -8.69 1.31
N LEU C 190 -3.12 -8.74 1.36
CA LEU C 190 -4.42 -9.30 1.01
CA LEU C 190 -4.40 -9.38 1.07
C LEU C 190 -4.95 -10.13 2.17
C LEU C 190 -4.96 -10.10 2.29
N ARG C 191 -4.10 -10.50 3.13
N ARG C 191 -4.11 -10.80 3.05
CA ARG C 191 -4.53 -11.38 4.22
CA ARG C 191 -4.57 -11.71 4.09
C ARG C 191 -5.52 -10.68 5.15
C ARG C 191 -5.60 -11.09 5.01
N ASN C 192 -5.16 -9.52 5.67
N ASN C 192 -5.34 -9.87 5.49
CA ASN C 192 -6.01 -8.78 6.59
CA ASN C 192 -6.24 -9.22 6.44
C ASN C 192 -6.97 -7.82 5.90
C ASN C 192 -6.95 -8.00 5.85
N MET C 193 -6.95 -7.77 4.56
N MET C 193 -7.01 -7.90 4.52
CA MET C 193 -7.75 -6.78 3.86
CA MET C 193 -7.75 -6.81 3.90
C MET C 193 -9.24 -7.01 4.10
C MET C 193 -9.25 -7.01 4.09
N ASP C 194 -9.97 -5.91 4.32
CA ASP C 194 -11.42 -5.93 4.35
C ASP C 194 -11.94 -6.55 3.05
N ASP C 195 -12.75 -7.61 3.17
CA ASP C 195 -13.28 -8.29 1.99
C ASP C 195 -13.93 -7.30 1.01
N ASP C 196 -14.59 -6.27 1.55
CA ASP C 196 -15.31 -5.32 0.69
C ASP C 196 -14.35 -4.52 -0.18
N GLU C 197 -13.09 -4.40 0.22
CA GLU C 197 -12.09 -3.66 -0.55
C GLU C 197 -11.38 -4.51 -1.59
N VAL C 198 -11.60 -5.83 -1.60
CA VAL C 198 -10.87 -6.70 -2.52
C VAL C 198 -11.29 -6.47 -3.97
N PHE C 199 -12.54 -6.09 -4.21
CA PHE C 199 -12.97 -5.84 -5.59
C PHE C 199 -12.13 -4.72 -6.22
N THR C 200 -11.99 -3.60 -5.52
CA THR C 200 -11.18 -2.51 -6.03
C THR C 200 -9.70 -2.90 -6.13
N PHE C 201 -9.22 -3.70 -5.17
CA PHE C 201 -7.84 -4.19 -5.25
C PHE C 201 -7.61 -5.00 -6.52
N ALA C 202 -8.56 -5.89 -6.87
CA ALA C 202 -8.40 -6.67 -8.09
C ALA C 202 -8.43 -5.78 -9.32
N LYS C 203 -9.29 -4.75 -9.31
CA LYS C 203 -9.32 -3.79 -10.41
C LYS C 203 -7.97 -3.11 -10.57
N LYS C 204 -7.38 -2.65 -9.46
CA LYS C 204 -6.11 -1.95 -9.52
C LYS C 204 -4.97 -2.86 -9.95
N LEU C 205 -5.00 -4.13 -9.53
CA LEU C 205 -4.01 -5.10 -10.00
C LEU C 205 -4.22 -5.50 -11.45
N ALA C 206 -5.41 -5.24 -12.00
CA ALA C 206 -5.78 -5.78 -13.31
C ALA C 206 -5.62 -7.29 -13.35
N ALA C 207 -6.07 -7.95 -12.28
CA ALA C 207 -5.97 -9.39 -12.09
C ALA C 207 -7.35 -9.98 -11.85
N PRO C 208 -7.55 -11.27 -12.15
CA PRO C 208 -8.88 -11.88 -11.98
C PRO C 208 -9.25 -11.95 -10.50
N TYR C 209 -10.43 -11.43 -10.18
CA TYR C 209 -10.89 -11.38 -8.79
C TYR C 209 -10.88 -12.76 -8.13
N ASP C 210 -11.33 -13.79 -8.86
CA ASP C 210 -11.40 -15.12 -8.25
C ASP C 210 -10.02 -15.61 -7.82
N LEU C 211 -8.98 -15.32 -8.61
CA LEU C 211 -7.63 -15.69 -8.24
C LEU C 211 -7.09 -14.82 -7.10
N VAL C 212 -7.47 -13.54 -7.08
CA VAL C 212 -7.13 -12.71 -5.93
C VAL C 212 -7.70 -13.30 -4.65
N MET C 213 -8.98 -13.69 -4.68
CA MET C 213 -9.62 -14.25 -3.49
C MET C 213 -8.99 -15.60 -3.12
N GLN C 214 -8.65 -16.42 -4.11
CA GLN C 214 -7.98 -17.68 -3.80
C GLN C 214 -6.65 -17.44 -3.09
N THR C 215 -5.89 -16.45 -3.57
CA THR C 215 -4.62 -16.11 -2.94
C THR C 215 -4.83 -15.62 -1.51
N LYS C 216 -5.90 -14.85 -1.28
N LYS C 216 -5.90 -14.85 -1.28
CA LYS C 216 -6.21 -14.39 0.07
CA LYS C 216 -6.22 -14.40 0.07
C LYS C 216 -6.49 -15.56 1.00
C LYS C 216 -6.56 -15.57 0.98
N GLN C 217 -7.26 -16.53 0.54
N GLN C 217 -7.30 -16.55 0.46
CA GLN C 217 -7.62 -17.65 1.41
CA GLN C 217 -7.68 -17.71 1.27
C GLN C 217 -6.42 -18.56 1.67
C GLN C 217 -6.47 -18.56 1.63
N LEU C 218 -5.55 -18.75 0.67
CA LEU C 218 -4.38 -19.58 0.88
C LEU C 218 -3.29 -18.89 1.69
N GLY C 219 -3.22 -17.56 1.61
CA GLY C 219 -2.10 -16.86 2.20
C GLY C 219 -0.81 -16.98 1.43
N ARG C 220 -0.86 -17.43 0.19
CA ARG C 220 0.31 -17.56 -0.67
C ARG C 220 -0.19 -17.72 -2.09
N LEU C 221 0.76 -17.72 -3.03
CA LEU C 221 0.41 -17.95 -4.43
C LEU C 221 -0.16 -19.36 -4.59
N PRO C 222 -1.17 -19.53 -5.45
CA PRO C 222 -1.73 -20.88 -5.65
C PRO C 222 -0.85 -21.83 -6.45
N VAL C 223 0.36 -21.43 -6.83
CA VAL C 223 1.33 -22.29 -7.49
C VAL C 223 2.68 -22.06 -6.82
N VAL C 224 3.63 -22.97 -7.08
CA VAL C 224 4.97 -22.78 -6.52
C VAL C 224 5.61 -21.52 -7.11
N GLN C 225 6.50 -20.92 -6.33
CA GLN C 225 7.09 -19.61 -6.62
C GLN C 225 8.59 -19.69 -6.43
N PHE C 226 9.33 -19.61 -7.53
CA PHE C 226 10.80 -19.70 -7.52
C PHE C 226 11.42 -18.33 -7.77
N ALA C 227 12.64 -18.16 -7.32
CA ALA C 227 13.44 -16.99 -7.65
C ALA C 227 14.25 -17.25 -8.92
N ALA C 228 14.39 -16.21 -9.74
CA ALA C 228 15.19 -16.33 -10.95
C ALA C 228 15.67 -14.95 -11.37
N GLY C 229 16.84 -14.92 -12.01
CA GLY C 229 17.39 -13.70 -12.55
C GLY C 229 18.36 -13.01 -11.62
N GLY C 230 19.65 -13.32 -11.75
CA GLY C 230 20.68 -12.70 -10.93
C GLY C 230 21.12 -13.49 -9.72
N VAL C 231 20.64 -14.72 -9.54
CA VAL C 231 21.04 -15.54 -8.40
C VAL C 231 22.44 -16.07 -8.68
N ALA C 232 23.45 -15.47 -8.05
CA ALA C 232 24.84 -15.75 -8.39
C ALA C 232 25.58 -16.57 -7.34
N THR C 233 25.37 -16.33 -6.06
CA THR C 233 26.16 -16.94 -5.01
C THR C 233 25.29 -17.81 -4.11
N PRO C 234 25.89 -18.69 -3.31
CA PRO C 234 25.11 -19.38 -2.27
C PRO C 234 24.35 -18.43 -1.37
N ALA C 235 24.98 -17.31 -0.99
CA ALA C 235 24.29 -16.31 -0.17
C ALA C 235 23.03 -15.78 -0.86
N ASP C 236 23.12 -15.50 -2.17
CA ASP C 236 21.94 -15.06 -2.93
C ASP C 236 20.83 -16.11 -2.88
N ALA C 237 21.19 -17.37 -3.11
CA ALA C 237 20.17 -18.42 -3.16
C ALA C 237 19.48 -18.58 -1.81
N ALA C 238 20.26 -18.57 -0.72
CA ALA C 238 19.66 -18.69 0.61
C ALA C 238 18.83 -17.46 0.96
N LEU C 239 19.25 -16.28 0.48
CA LEU C 239 18.46 -15.07 0.68
C LEU C 239 17.06 -15.23 0.07
N MET C 240 17.00 -15.73 -1.16
N MET C 240 16.98 -15.74 -1.16
CA MET C 240 15.71 -15.95 -1.82
CA MET C 240 15.68 -15.90 -1.78
C MET C 240 14.84 -16.91 -1.01
C MET C 240 14.82 -16.94 -1.07
N MET C 241 15.43 -17.98 -0.50
CA MET C 241 14.67 -18.95 0.28
C MET C 241 14.19 -18.33 1.59
N GLN C 242 15.03 -17.52 2.24
CA GLN C 242 14.61 -16.88 3.49
C GLN C 242 13.51 -15.85 3.25
N LEU C 243 13.50 -15.23 2.06
CA LEU C 243 12.39 -14.35 1.70
C LEU C 243 11.11 -15.11 1.39
N GLY C 244 11.16 -16.43 1.21
CA GLY C 244 9.95 -17.22 1.08
C GLY C 244 9.80 -17.97 -0.23
N CYS C 245 10.81 -17.98 -1.07
CA CYS C 245 10.69 -18.70 -2.33
C CYS C 245 10.72 -20.21 -2.09
N ASP C 246 10.20 -20.96 -3.06
CA ASP C 246 10.18 -22.42 -2.99
C ASP C 246 11.42 -23.07 -3.62
N GLY C 247 12.26 -22.30 -4.27
CA GLY C 247 13.42 -22.81 -4.97
C GLY C 247 14.01 -21.69 -5.81
N VAL C 248 15.06 -22.02 -6.57
CA VAL C 248 15.74 -21.03 -7.39
C VAL C 248 16.15 -21.61 -8.74
N PHE C 249 16.22 -20.73 -9.74
CA PHE C 249 16.87 -20.99 -11.03
C PHE C 249 18.22 -20.29 -11.01
N VAL C 250 19.23 -20.95 -11.57
N VAL C 250 19.23 -20.95 -11.59
CA VAL C 250 20.55 -20.36 -11.75
CA VAL C 250 20.56 -20.37 -11.74
C VAL C 250 20.97 -20.53 -13.21
C VAL C 250 21.02 -20.56 -13.18
N GLY C 251 21.75 -19.57 -13.70
CA GLY C 251 22.17 -19.55 -15.08
C GLY C 251 23.52 -20.20 -15.32
N SER C 252 24.10 -19.90 -16.48
CA SER C 252 25.32 -20.53 -16.96
C SER C 252 26.56 -20.12 -16.17
N GLY C 253 26.46 -19.12 -15.28
CA GLY C 253 27.61 -18.72 -14.49
C GLY C 253 28.25 -19.87 -13.72
N ILE C 254 27.45 -20.89 -13.39
CA ILE C 254 27.97 -22.08 -12.72
C ILE C 254 29.10 -22.71 -13.53
N PHE C 255 28.94 -22.74 -14.86
CA PHE C 255 29.88 -23.45 -15.73
C PHE C 255 30.98 -22.56 -16.30
N LYS C 256 30.92 -21.24 -16.06
CA LYS C 256 32.05 -20.39 -16.38
C LYS C 256 33.17 -20.53 -15.35
N SER C 257 32.92 -21.23 -14.25
CA SER C 257 33.87 -21.35 -13.15
C SER C 257 34.97 -22.35 -13.49
N GLY C 258 35.97 -22.42 -12.61
CA GLY C 258 36.99 -23.43 -12.74
C GLY C 258 36.59 -24.80 -12.23
N ASP C 259 35.61 -24.86 -11.34
CA ASP C 259 35.12 -26.11 -10.77
C ASP C 259 33.60 -26.08 -10.79
N PRO C 260 32.99 -26.33 -11.95
CA PRO C 260 31.53 -26.26 -12.04
C PRO C 260 30.80 -27.20 -11.08
N ALA C 261 31.28 -28.43 -10.92
CA ALA C 261 30.62 -29.37 -10.02
C ALA C 261 30.57 -28.82 -8.59
N ARG C 262 31.66 -28.20 -8.14
CA ARG C 262 31.68 -27.63 -6.81
C ARG C 262 30.72 -26.44 -6.70
N ARG C 263 30.73 -25.56 -7.72
CA ARG C 263 29.84 -24.41 -7.69
C ARG C 263 28.38 -24.83 -7.71
N ALA C 264 28.05 -25.84 -8.53
CA ALA C 264 26.68 -26.33 -8.60
C ALA C 264 26.26 -26.93 -7.27
N ARG C 265 27.13 -27.75 -6.67
CA ARG C 265 26.83 -28.36 -5.37
C ARG C 265 26.63 -27.31 -4.30
N ALA C 266 27.42 -26.22 -4.35
CA ALA C 266 27.30 -25.17 -3.33
C ALA C 266 25.92 -24.51 -3.39
N ILE C 267 25.39 -24.28 -4.59
CA ILE C 267 24.05 -23.68 -4.69
C ILE C 267 22.99 -24.65 -4.18
N VAL C 268 23.09 -25.93 -4.57
CA VAL C 268 22.14 -26.93 -4.11
C VAL C 268 22.12 -27.00 -2.58
N GLN C 269 23.31 -27.02 -1.96
CA GLN C 269 23.38 -27.10 -0.51
C GLN C 269 22.86 -25.83 0.14
N ALA C 270 23.09 -24.68 -0.47
CA ALA C 270 22.58 -23.43 0.09
C ALA C 270 21.06 -23.42 0.12
N VAL C 271 20.42 -23.99 -0.90
CA VAL C 271 18.97 -24.02 -0.93
C VAL C 271 18.41 -25.04 0.06
N THR C 272 19.06 -26.22 0.15
CA THR C 272 18.62 -27.24 1.09
C THR C 272 18.81 -26.80 2.54
N HIS C 273 19.87 -26.04 2.82
CA HIS C 273 20.21 -25.67 4.20
C HIS C 273 20.22 -24.15 4.37
N TYR C 274 19.19 -23.48 3.86
CA TYR C 274 19.24 -22.02 3.75
C TYR C 274 19.25 -21.31 5.10
N SER C 275 18.84 -21.97 6.17
CA SER C 275 18.81 -21.33 7.48
C SER C 275 19.98 -21.74 8.38
N ASP C 276 21.02 -22.37 7.81
CA ASP C 276 22.18 -22.84 8.55
C ASP C 276 23.39 -22.01 8.15
N PRO C 277 23.71 -20.93 8.88
CA PRO C 277 24.86 -20.09 8.49
C PRO C 277 26.17 -20.85 8.45
N GLU C 278 26.35 -21.86 9.31
CA GLU C 278 27.58 -22.64 9.27
C GLU C 278 27.73 -23.38 7.94
N MET C 279 26.63 -23.95 7.44
N MET C 279 26.63 -23.94 7.43
CA MET C 279 26.67 -24.60 6.14
CA MET C 279 26.68 -24.60 6.13
C MET C 279 26.95 -23.60 5.03
C MET C 279 26.96 -23.59 5.03
N LEU C 280 26.35 -22.41 5.10
CA LEU C 280 26.57 -21.39 4.09
C LEU C 280 28.04 -20.94 4.06
N VAL C 281 28.67 -20.83 5.23
CA VAL C 281 30.10 -20.53 5.27
C VAL C 281 30.89 -21.63 4.58
N GLU C 282 30.59 -22.89 4.94
CA GLU C 282 31.33 -24.02 4.40
C GLU C 282 31.27 -24.04 2.87
N VAL C 283 30.08 -23.93 2.29
CA VAL C 283 29.97 -24.01 0.83
C VAL C 283 30.48 -22.76 0.13
N SER C 284 30.61 -21.65 0.86
CA SER C 284 31.11 -20.42 0.26
C SER C 284 32.61 -20.26 0.39
N CYS C 285 33.22 -20.91 1.38
CA CYS C 285 34.63 -20.71 1.70
C CYS C 285 35.50 -21.26 0.57
N GLY C 286 36.32 -20.40 -0.01
CA GLY C 286 37.20 -20.80 -1.10
C GLY C 286 36.53 -20.95 -2.44
N LEU C 287 35.27 -20.52 -2.56
CA LEU C 287 34.54 -20.63 -3.81
C LEU C 287 34.96 -19.51 -4.76
N PRO D 22 22.34 -6.91 24.66
CA PRO D 22 21.56 -5.71 24.33
C PRO D 22 22.29 -4.78 23.37
N PHE D 23 21.54 -3.84 22.78
CA PHE D 23 22.15 -2.87 21.86
C PHE D 23 23.24 -2.06 22.56
N SER D 24 23.05 -1.74 23.84
CA SER D 24 24.02 -0.90 24.53
C SER D 24 25.38 -1.58 24.67
N VAL D 25 25.41 -2.91 24.71
CA VAL D 25 26.68 -3.62 24.74
C VAL D 25 27.44 -3.42 23.42
N LYS D 26 26.74 -3.55 22.30
CA LYS D 26 27.36 -3.28 21.00
C LYS D 26 27.83 -1.84 20.89
N VAL D 27 27.00 -0.90 21.35
CA VAL D 27 27.38 0.51 21.31
C VAL D 27 28.63 0.77 22.15
N GLY D 28 28.66 0.19 23.36
CA GLY D 28 29.83 0.38 24.22
C GLY D 28 31.08 -0.23 23.63
N LEU D 29 30.94 -1.40 22.99
CA LEU D 29 32.07 -2.05 22.35
C LEU D 29 32.71 -1.16 21.30
N ALA D 30 31.88 -0.53 20.46
CA ALA D 30 32.41 0.33 19.41
C ALA D 30 33.14 1.56 19.96
N GLN D 31 32.82 1.99 21.19
CA GLN D 31 33.53 3.12 21.78
C GLN D 31 35.02 2.86 21.91
N MET D 32 35.44 1.59 21.96
N MET D 32 35.44 1.59 21.95
CA MET D 32 36.87 1.27 22.04
CA MET D 32 36.85 1.26 22.04
C MET D 32 37.66 1.78 20.84
C MET D 32 37.65 1.77 20.84
N LEU D 33 36.98 2.01 19.72
CA LEU D 33 37.65 2.46 18.50
C LEU D 33 37.90 3.95 18.47
N ARG D 34 37.37 4.72 19.42
CA ARG D 34 37.54 6.17 19.41
C ARG D 34 39.01 6.55 19.40
N GLY D 35 39.34 7.55 18.59
CA GLY D 35 40.72 7.96 18.42
C GLY D 35 41.51 7.12 17.44
N GLY D 36 40.85 6.25 16.67
CA GLY D 36 41.54 5.25 15.88
C GLY D 36 41.38 5.44 14.38
N VAL D 37 42.21 4.69 13.65
CA VAL D 37 42.16 4.61 12.18
C VAL D 37 41.86 3.16 11.80
N ILE D 38 40.90 2.98 10.89
CA ILE D 38 40.54 1.68 10.36
C ILE D 38 41.03 1.62 8.91
N MET D 39 41.72 0.55 8.53
CA MET D 39 42.40 0.47 7.25
C MET D 39 41.89 -0.70 6.42
N ASP D 40 41.57 -0.43 5.15
CA ASP D 40 41.23 -1.50 4.20
C ASP D 40 42.48 -2.34 3.94
N VAL D 41 42.33 -3.66 3.97
CA VAL D 41 43.43 -4.58 3.70
C VAL D 41 42.92 -5.70 2.81
N VAL D 42 43.75 -6.13 1.85
CA VAL D 42 43.35 -7.18 0.91
C VAL D 42 44.02 -8.52 1.18
N ASN D 43 44.90 -8.60 2.17
CA ASN D 43 45.56 -9.86 2.51
C ASN D 43 46.15 -9.75 3.91
N ALA D 44 46.70 -10.86 4.39
CA ALA D 44 47.20 -10.93 5.77
C ALA D 44 48.43 -10.05 5.96
N GLU D 45 49.25 -9.90 4.94
CA GLU D 45 50.44 -9.05 5.06
C GLU D 45 50.05 -7.59 5.27
N GLN D 46 49.09 -7.10 4.47
CA GLN D 46 48.60 -5.75 4.70
C GLN D 46 47.98 -5.59 6.08
N ALA D 47 47.25 -6.62 6.53
CA ALA D 47 46.66 -6.57 7.86
C ALA D 47 47.72 -6.44 8.95
N ARG D 48 48.84 -7.16 8.80
N ARG D 48 48.85 -7.14 8.80
CA ARG D 48 49.92 -7.05 9.78
CA ARG D 48 49.91 -7.04 9.80
C ARG D 48 50.54 -5.66 9.77
C ARG D 48 50.59 -5.67 9.77
N ILE D 49 50.78 -5.11 8.57
CA ILE D 49 51.34 -3.76 8.48
C ILE D 49 50.41 -2.76 9.16
N ALA D 50 49.11 -2.88 8.92
CA ALA D 50 48.15 -1.97 9.52
C ALA D 50 48.21 -2.05 11.05
N GLU D 51 48.22 -3.27 11.59
CA GLU D 51 48.26 -3.43 13.04
C GLU D 51 49.56 -2.87 13.61
N GLU D 52 50.69 -3.16 12.97
CA GLU D 52 51.98 -2.67 13.46
C GLU D 52 52.05 -1.15 13.44
N ALA D 53 51.38 -0.52 12.47
CA ALA D 53 51.38 0.94 12.39
C ALA D 53 50.45 1.59 13.40
N GLY D 54 49.61 0.82 14.09
CA GLY D 54 48.73 1.36 15.11
C GLY D 54 47.27 1.47 14.75
N ALA D 55 46.83 0.84 13.66
CA ALA D 55 45.41 0.86 13.31
C ALA D 55 44.58 0.27 14.45
N CYS D 56 43.37 0.80 14.63
CA CYS D 56 42.48 0.25 15.65
C CYS D 56 41.68 -0.93 15.15
N ALA D 57 41.61 -1.13 13.83
CA ALA D 57 40.88 -2.24 13.23
C ALA D 57 41.25 -2.28 11.74
N VAL D 58 40.93 -3.39 11.09
CA VAL D 58 41.13 -3.53 9.66
C VAL D 58 39.82 -3.92 9.00
N MET D 59 39.67 -3.51 7.74
CA MET D 59 38.51 -3.84 6.91
C MET D 59 38.98 -4.80 5.83
N ALA D 60 38.57 -6.06 5.92
CA ALA D 60 38.98 -7.07 4.95
C ALA D 60 38.13 -6.93 3.70
N LEU D 61 38.79 -6.84 2.54
CA LEU D 61 38.04 -6.83 1.28
C LEU D 61 38.94 -7.31 0.14
N GLU D 62 38.38 -8.16 -0.72
N GLU D 62 38.31 -7.97 -0.84
CA GLU D 62 39.23 -8.96 -1.60
CA GLU D 62 39.00 -8.35 -2.07
C GLU D 62 39.69 -8.18 -2.83
C GLU D 62 39.16 -7.14 -3.01
N ARG D 63 38.82 -7.35 -3.40
N ARG D 63 38.06 -6.50 -3.38
CA ARG D 63 39.16 -6.54 -4.55
CA ARG D 63 38.07 -5.43 -4.37
C ARG D 63 38.54 -5.17 -4.37
C ARG D 63 37.86 -4.08 -3.71
N VAL D 64 39.00 -4.22 -5.18
N VAL D 64 38.69 -3.10 -4.08
CA VAL D 64 38.47 -2.87 -5.13
CA VAL D 64 38.70 -1.78 -3.46
C VAL D 64 37.09 -2.87 -5.78
C VAL D 64 37.78 -0.84 -4.22
N PRO D 65 36.02 -2.52 -5.05
N PRO D 65 37.28 0.23 -3.59
CA PRO D 65 34.69 -2.50 -5.66
CA PRO D 65 36.38 1.15 -4.34
C PRO D 65 34.55 -1.52 -6.81
C PRO D 65 36.98 1.72 -5.60
N ALA D 66 35.44 -0.53 -6.91
N ALA D 66 38.27 2.08 -5.59
CA ALA D 66 35.42 0.36 -8.05
CA ALA D 66 38.89 2.65 -6.79
C ALA D 66 35.90 -0.35 -9.32
C ALA D 66 38.83 1.67 -7.96
N ASP D 67 36.95 -1.18 -9.20
N ASP D 67 38.82 0.37 -7.69
CA ASP D 67 37.42 -1.94 -10.34
CA ASP D 67 38.72 -0.62 -8.75
C ASP D 67 36.43 -3.02 -10.76
C ASP D 67 37.29 -0.99 -9.10
N ILE D 68 35.69 -3.58 -9.80
N ILE D 68 36.34 -0.75 -8.19
CA ILE D 68 34.65 -4.55 -10.13
CA ILE D 68 34.93 -1.04 -8.50
C ILE D 68 33.55 -3.89 -10.95
C ILE D 68 34.37 0.02 -9.44
N ARG D 69 33.11 -2.70 -10.52
N ARG D 69 34.64 1.30 -9.17
CA ARG D 69 32.10 -1.98 -11.28
CA ARG D 69 34.15 2.36 -10.04
C ARG D 69 32.66 -1.40 -12.58
C ARG D 69 34.77 2.30 -11.43
N ALA D 70 33.97 -1.13 -12.62
N ALA D 70 35.94 1.69 -11.56
CA ALA D 70 34.56 -0.59 -13.84
CA ALA D 70 36.65 1.62 -12.83
C ALA D 70 34.54 -1.61 -14.97
C ALA D 70 36.26 0.38 -13.64
N GLN D 71 34.80 -2.87 -14.66
N GLN D 71 36.50 -0.81 -13.07
CA GLN D 71 34.77 -3.95 -15.64
CA GLN D 71 36.22 -2.04 -13.80
C GLN D 71 33.37 -4.55 -15.81
C GLN D 71 34.72 -2.29 -13.92
N GLY D 72 32.33 -3.84 -15.38
N GLY D 72 33.96 -1.97 -12.87
CA GLY D 72 30.98 -4.33 -15.49
CA GLY D 72 32.53 -2.17 -12.91
C GLY D 72 30.70 -5.55 -14.63
C GLY D 72 32.12 -3.58 -12.54
N GLY D 73 30.73 -5.37 -13.31
N GLY D 73 30.85 -3.86 -12.75
CA GLY D 73 30.53 -6.50 -12.41
CA GLY D 73 30.28 -5.15 -12.45
C GLY D 73 29.86 -6.06 -11.13
C GLY D 73 29.56 -5.17 -11.11
N VAL D 74 29.30 -7.04 -10.43
N VAL D 74 29.41 -6.40 -10.58
CA VAL D 74 28.60 -6.82 -9.18
CA VAL D 74 28.76 -6.63 -9.30
C VAL D 74 29.57 -7.06 -8.02
C VAL D 74 29.82 -6.82 -8.23
N ALA D 75 29.68 -6.08 -7.13
CA ALA D 75 30.61 -6.16 -6.00
C ALA D 75 29.87 -6.72 -4.79
N ARG D 76 30.35 -7.86 -4.28
CA ARG D 76 29.64 -8.63 -3.26
C ARG D 76 30.52 -8.81 -2.03
N MET D 77 29.95 -9.51 -1.03
CA MET D 77 30.73 -10.00 0.10
C MET D 77 31.97 -10.72 -0.41
N SER D 78 33.09 -10.56 0.32
CA SER D 78 34.32 -11.22 -0.06
C SER D 78 34.29 -12.69 0.33
N ASP D 79 35.20 -13.46 -0.26
CA ASP D 79 35.29 -14.89 0.02
C ASP D 79 35.59 -15.10 1.49
N PRO D 80 34.81 -15.91 2.20
CA PRO D 80 35.10 -16.17 3.63
C PRO D 80 36.51 -16.66 3.89
N GLN D 81 37.12 -17.35 2.93
CA GLN D 81 38.49 -17.84 3.12
C GLN D 81 39.47 -16.69 3.32
N MET D 82 39.40 -15.66 2.47
CA MET D 82 40.33 -14.54 2.62
C MET D 82 40.02 -13.72 3.85
N ILE D 83 38.75 -13.64 4.26
CA ILE D 83 38.40 -12.95 5.50
C ILE D 83 38.98 -13.69 6.70
N LYS D 84 38.85 -15.02 6.73
CA LYS D 84 39.39 -15.80 7.84
C LYS D 84 40.90 -15.62 7.96
N GLU D 85 41.59 -15.59 6.83
CA GLU D 85 43.05 -15.45 6.87
C GLU D 85 43.46 -14.13 7.50
N ILE D 86 42.70 -13.06 7.23
CA ILE D 86 43.00 -11.78 7.83
C ILE D 86 42.71 -11.79 9.32
N LYS D 87 41.57 -12.38 9.71
CA LYS D 87 41.21 -12.45 11.12
C LYS D 87 42.25 -13.22 11.92
N GLN D 88 42.79 -14.29 11.35
CA GLN D 88 43.81 -15.07 12.03
C GLN D 88 45.17 -14.38 12.05
N ALA D 89 45.35 -13.30 11.31
CA ALA D 89 46.66 -12.65 11.24
C ALA D 89 46.83 -11.54 12.26
N VAL D 90 45.76 -11.06 12.88
CA VAL D 90 45.82 -9.87 13.72
C VAL D 90 45.01 -10.07 15.00
N THR D 91 45.30 -9.23 15.98
CA THR D 91 44.58 -9.18 17.25
C THR D 91 43.53 -8.08 17.30
N ILE D 92 43.76 -6.99 16.57
CA ILE D 92 42.79 -5.90 16.49
C ILE D 92 41.52 -6.38 15.79
N PRO D 93 40.37 -5.74 16.00
CA PRO D 93 39.13 -6.23 15.38
C PRO D 93 39.19 -6.20 13.86
N VAL D 94 38.42 -7.08 13.24
CA VAL D 94 38.33 -7.19 11.79
C VAL D 94 36.89 -6.93 11.37
N MET D 95 36.71 -6.04 10.41
CA MET D 95 35.42 -5.77 9.80
C MET D 95 35.41 -6.32 8.38
N ALA D 96 34.19 -6.55 7.86
CA ALA D 96 34.01 -6.93 6.47
C ALA D 96 32.66 -6.40 5.99
N LYS D 97 32.50 -6.30 4.67
CA LYS D 97 31.35 -5.64 4.08
C LYS D 97 30.27 -6.62 3.63
N ALA D 98 29.02 -6.23 3.83
CA ALA D 98 27.86 -6.90 3.26
C ALA D 98 27.10 -5.88 2.39
N ARG D 99 26.48 -6.37 1.31
CA ARG D 99 25.67 -5.49 0.50
C ARG D 99 24.46 -5.01 1.28
N ILE D 100 24.03 -3.78 0.99
CA ILE D 100 22.86 -3.19 1.66
C ILE D 100 21.66 -4.09 1.45
N GLY D 101 21.01 -4.48 2.55
CA GLY D 101 19.86 -5.35 2.50
C GLY D 101 20.16 -6.83 2.40
N HIS D 102 21.43 -7.23 2.22
CA HIS D 102 21.74 -8.65 2.01
C HIS D 102 21.99 -9.28 3.38
N PHE D 103 20.89 -9.66 4.05
CA PHE D 103 21.03 -10.17 5.41
C PHE D 103 21.68 -11.55 5.48
N VAL D 104 21.68 -12.31 4.39
CA VAL D 104 22.35 -13.61 4.40
C VAL D 104 23.87 -13.45 4.30
N GLU D 105 24.34 -12.49 3.48
CA GLU D 105 25.76 -12.16 3.52
C GLU D 105 26.19 -11.82 4.94
N ALA D 106 25.36 -11.05 5.66
CA ALA D 106 25.68 -10.72 7.05
C ALA D 106 25.68 -11.96 7.94
N GLN D 107 24.74 -12.89 7.72
CA GLN D 107 24.73 -14.12 8.51
C GLN D 107 26.02 -14.90 8.33
N ILE D 108 26.52 -14.96 7.09
CA ILE D 108 27.77 -15.66 6.82
C ILE D 108 28.93 -14.96 7.50
N LEU D 109 29.01 -13.64 7.37
CA LEU D 109 30.10 -12.88 8.01
C LEU D 109 30.12 -13.10 9.52
N GLU D 110 28.95 -13.08 10.16
CA GLU D 110 28.89 -13.31 11.59
C GLU D 110 29.39 -14.72 11.94
N ALA D 111 29.02 -15.71 11.13
CA ALA D 111 29.44 -17.09 11.39
C ALA D 111 30.93 -17.31 11.20
N ILE D 112 31.61 -16.45 10.43
CA ILE D 112 33.06 -16.49 10.30
C ILE D 112 33.73 -16.16 11.63
N GLY D 113 33.07 -15.35 12.46
CA GLY D 113 33.65 -14.93 13.71
C GLY D 113 34.40 -13.62 13.66
N ILE D 114 34.09 -12.74 12.72
CA ILE D 114 34.73 -11.43 12.69
C ILE D 114 34.03 -10.51 13.68
N ASP D 115 34.46 -9.26 13.74
CA ASP D 115 34.07 -8.39 14.84
C ASP D 115 33.01 -7.38 14.48
N TYR D 116 32.97 -6.91 13.23
CA TYR D 116 32.00 -5.92 12.78
C TYR D 116 31.61 -6.21 11.35
N ILE D 117 30.38 -5.87 11.01
CA ILE D 117 29.90 -5.89 9.63
C ILE D 117 29.63 -4.45 9.20
N ASP D 118 30.17 -4.07 8.05
CA ASP D 118 29.91 -2.78 7.44
C ASP D 118 28.87 -3.03 6.33
N GLU D 119 27.64 -2.60 6.56
CA GLU D 119 26.59 -2.68 5.54
C GLU D 119 26.86 -1.51 4.60
N SER D 120 27.40 -1.81 3.41
CA SER D 120 28.18 -0.82 2.67
C SER D 120 27.60 -0.53 1.30
N GLU D 121 27.34 0.75 1.03
CA GLU D 121 26.97 1.24 -0.29
C GLU D 121 28.13 1.19 -1.28
N VAL D 122 29.33 0.85 -0.83
CA VAL D 122 30.45 0.67 -1.76
C VAL D 122 30.29 -0.62 -2.55
N LEU D 123 29.65 -1.62 -1.96
CA LEU D 123 29.24 -2.80 -2.69
C LEU D 123 27.95 -2.52 -3.46
N THR D 124 27.58 -3.43 -4.34
CA THR D 124 26.38 -3.26 -5.15
C THR D 124 25.13 -3.43 -4.28
N LEU D 125 24.25 -2.45 -4.32
CA LEU D 125 22.98 -2.49 -3.60
C LEU D 125 22.24 -3.79 -3.90
N ALA D 126 21.81 -4.49 -2.84
CA ALA D 126 21.04 -5.73 -2.98
C ALA D 126 19.54 -5.55 -2.75
N ASP D 127 19.13 -4.54 -2.00
CA ASP D 127 17.71 -4.27 -1.76
C ASP D 127 17.54 -2.76 -1.85
N GLU D 128 16.77 -2.31 -2.86
CA GLU D 128 16.63 -0.89 -3.11
C GLU D 128 15.82 -0.19 -2.03
N ASP D 129 15.00 -0.92 -1.28
CA ASP D 129 14.03 -0.30 -0.38
C ASP D 129 14.28 -0.53 1.11
N HIS D 130 15.09 -1.52 1.49
CA HIS D 130 15.25 -1.86 2.89
C HIS D 130 16.71 -2.18 3.21
N HIS D 131 17.17 -1.75 4.38
CA HIS D 131 18.44 -2.20 4.92
C HIS D 131 18.25 -3.46 5.76
N ILE D 132 19.37 -4.05 6.18
CA ILE D 132 19.35 -5.22 7.06
C ILE D 132 18.77 -4.86 8.41
N ASN D 133 17.94 -5.75 8.96
CA ASN D 133 17.48 -5.63 10.33
C ASN D 133 18.63 -6.07 11.23
N LYS D 134 19.42 -5.09 11.66
CA LYS D 134 20.68 -5.36 12.34
C LYS D 134 20.49 -5.78 13.80
N HIS D 135 19.34 -5.51 14.39
CA HIS D 135 19.06 -6.00 15.73
C HIS D 135 18.96 -7.52 15.79
N ASN D 136 18.82 -8.19 14.63
CA ASN D 136 18.73 -9.64 14.59
C ASN D 136 20.08 -10.33 14.79
N PHE D 137 21.16 -9.57 14.91
CA PHE D 137 22.51 -10.13 14.94
C PHE D 137 23.15 -9.92 16.31
N ARG D 138 24.15 -10.75 16.60
N ARG D 138 24.14 -10.76 16.61
CA ARG D 138 24.96 -10.58 17.81
CA ARG D 138 24.95 -10.56 17.80
C ARG D 138 26.16 -9.67 17.58
C ARG D 138 26.08 -9.57 17.54
N ILE D 139 26.66 -9.62 16.34
CA ILE D 139 27.83 -8.83 15.97
C ILE D 139 27.42 -7.37 15.72
N PRO D 140 28.23 -6.38 16.08
CA PRO D 140 27.88 -4.98 15.77
C PRO D 140 28.05 -4.64 14.30
N PHE D 141 27.24 -3.69 13.84
CA PHE D 141 27.30 -3.19 12.48
C PHE D 141 27.73 -1.74 12.44
N VAL D 142 28.46 -1.39 11.37
N VAL D 142 28.44 -1.35 11.38
CA VAL D 142 28.68 -0.02 10.95
CA VAL D 142 28.65 0.05 11.04
C VAL D 142 27.74 0.26 9.77
C VAL D 142 27.92 0.35 9.74
N CYS D 143 27.20 1.47 9.71
CA CYS D 143 26.48 1.93 8.53
C CYS D 143 26.93 3.33 8.18
N GLY D 144 26.75 3.68 6.90
CA GLY D 144 27.04 5.02 6.44
C GLY D 144 25.87 5.97 6.58
N CYS D 145 26.16 7.27 6.41
CA CYS D 145 25.11 8.29 6.41
C CYS D 145 25.63 9.52 5.69
N ARG D 146 24.67 10.33 5.21
CA ARG D 146 24.98 11.62 4.61
C ARG D 146 24.34 12.77 5.37
N ASN D 147 23.48 12.48 6.34
CA ASN D 147 22.76 13.50 7.10
C ASN D 147 22.23 12.82 8.36
N LEU D 148 21.64 13.65 9.23
CA LEU D 148 21.17 13.15 10.53
C LEU D 148 20.02 12.17 10.38
N GLY D 149 19.12 12.41 9.41
CA GLY D 149 18.02 11.47 9.21
C GLY D 149 18.52 10.07 8.87
N GLU D 150 19.48 9.97 7.95
CA GLU D 150 20.03 8.66 7.63
C GLU D 150 20.74 8.04 8.83
N ALA D 151 21.52 8.83 9.57
CA ALA D 151 22.23 8.28 10.73
C ALA D 151 21.26 7.68 11.73
N LEU D 152 20.18 8.42 12.06
CA LEU D 152 19.25 7.93 13.06
C LEU D 152 18.42 6.74 12.56
N ARG D 153 18.10 6.70 11.26
CA ARG D 153 17.40 5.53 10.73
C ARG D 153 18.28 4.28 10.79
N ARG D 154 19.57 4.40 10.44
CA ARG D 154 20.46 3.25 10.53
C ARG D 154 20.60 2.79 11.98
N ILE D 155 20.74 3.74 12.92
CA ILE D 155 20.81 3.39 14.33
C ILE D 155 19.54 2.66 14.78
N ARG D 156 18.37 3.14 14.36
CA ARG D 156 17.14 2.47 14.80
C ARG D 156 17.04 1.05 14.24
N GLU D 157 17.54 0.83 13.03
CA GLU D 157 17.64 -0.53 12.49
C GLU D 157 18.66 -1.39 13.22
N GLY D 158 19.51 -0.78 14.05
CA GLY D 158 20.45 -1.55 14.87
C GLY D 158 21.92 -1.26 14.64
N ALA D 159 22.27 -0.28 13.82
CA ALA D 159 23.68 0.06 13.66
C ALA D 159 24.25 0.53 14.99
N ALA D 160 25.41 -0.03 15.37
CA ALA D 160 26.10 0.36 16.59
C ALA D 160 27.21 1.39 16.36
N MET D 161 27.45 1.75 15.11
CA MET D 161 28.52 2.66 14.74
C MET D 161 28.12 3.31 13.42
N ILE D 162 28.48 4.58 13.25
CA ILE D 162 28.12 5.33 12.05
C ILE D 162 29.38 5.90 11.42
N ARG D 163 29.43 5.88 10.09
CA ARG D 163 30.47 6.58 9.33
C ARG D 163 29.80 7.45 8.29
N THR D 164 30.52 8.46 7.80
CA THR D 164 29.99 9.18 6.64
C THR D 164 30.11 8.27 5.43
N LYS D 165 29.30 8.52 4.41
CA LYS D 165 29.49 7.84 3.10
C LYS D 165 30.64 8.49 2.37
N GLY D 166 30.76 9.80 2.51
CA GLY D 166 31.76 10.54 1.74
C GLY D 166 31.64 10.24 0.26
N GLU D 167 32.78 10.13 -0.42
CA GLU D 167 32.82 9.79 -1.84
C GLU D 167 33.84 8.68 -2.02
N ALA D 168 33.42 7.58 -2.63
CA ALA D 168 34.25 6.40 -2.75
C ALA D 168 35.12 6.45 -4.01
N GLY D 169 36.34 5.94 -3.90
CA GLY D 169 37.20 5.76 -5.05
C GLY D 169 37.74 7.01 -5.71
N THR D 170 37.77 8.15 -5.02
CA THR D 170 38.28 9.36 -5.66
C THR D 170 39.39 10.05 -4.88
N GLY D 171 39.42 9.88 -3.57
CA GLY D 171 40.34 10.66 -2.76
C GLY D 171 39.95 12.10 -2.59
N ASN D 172 38.72 12.47 -2.93
CA ASN D 172 38.21 13.82 -2.77
C ASN D 172 37.42 13.89 -1.47
N ILE D 173 37.87 14.74 -0.55
CA ILE D 173 37.29 14.86 0.79
C ILE D 173 36.02 15.68 0.83
N ILE D 174 35.60 16.28 -0.29
CA ILE D 174 34.53 17.28 -0.23
C ILE D 174 33.21 16.70 0.27
N GLU D 175 32.89 15.46 -0.12
CA GLU D 175 31.62 14.90 0.30
C GLU D 175 31.64 14.51 1.78
N ALA D 176 32.78 14.01 2.27
CA ALA D 176 32.88 13.70 3.69
C ALA D 176 32.74 14.97 4.54
N VAL D 177 33.33 16.08 4.08
CA VAL D 177 33.15 17.35 4.77
C VAL D 177 31.67 17.72 4.80
N ARG D 178 30.99 17.60 3.66
CA ARG D 178 29.56 17.89 3.59
C ARG D 178 28.77 17.06 4.60
N HIS D 179 29.03 15.75 4.64
CA HIS D 179 28.28 14.87 5.52
C HIS D 179 28.55 15.14 6.99
N VAL D 180 29.82 15.33 7.37
CA VAL D 180 30.16 15.67 8.75
C VAL D 180 29.48 16.97 9.14
N ARG D 181 29.58 18.00 8.29
CA ARG D 181 28.98 19.28 8.63
C ARG D 181 27.45 19.17 8.72
N SER D 182 26.84 18.31 7.90
CA SER D 182 25.39 18.16 7.94
C SER D 182 24.96 17.52 9.26
N VAL D 183 25.55 16.37 9.59
CA VAL D 183 25.20 15.67 10.83
C VAL D 183 25.49 16.57 12.04
N ASN D 184 26.72 17.09 12.14
CA ASN D 184 27.08 17.90 13.30
C ASN D 184 26.25 19.16 13.36
N GLY D 185 26.01 19.79 12.21
CA GLY D 185 25.23 21.02 12.20
C GLY D 185 23.82 20.82 12.70
N ASP D 186 23.17 19.74 12.26
CA ASP D 186 21.81 19.48 12.70
C ASP D 186 21.76 19.08 14.17
N ILE D 187 22.79 18.39 14.67
CA ILE D 187 22.80 18.07 16.09
C ILE D 187 22.92 19.35 16.92
N ARG D 188 23.76 20.28 16.47
CA ARG D 188 23.90 21.55 17.19
C ARG D 188 22.61 22.35 17.18
N VAL D 189 21.89 22.37 16.05
CA VAL D 189 20.59 23.03 16.00
C VAL D 189 19.61 22.34 16.95
N LEU D 190 19.58 21.00 16.92
CA LEU D 190 18.65 20.25 17.74
C LEU D 190 18.88 20.52 19.24
N ARG D 191 20.15 20.67 19.63
CA ARG D 191 20.49 20.82 21.06
C ARG D 191 19.75 21.98 21.72
N ASN D 192 19.56 23.07 20.99
N ASN D 192 19.56 23.09 21.03
CA ASN D 192 18.97 24.31 21.49
CA ASN D 192 18.86 24.20 21.65
C ASN D 192 17.55 24.55 20.99
C ASN D 192 17.59 24.58 20.90
N MET D 193 16.99 23.60 20.24
CA MET D 193 15.66 23.80 19.65
C MET D 193 14.60 23.84 20.74
N ASP D 194 13.59 24.68 20.54
CA ASP D 194 12.37 24.62 21.34
C ASP D 194 11.82 23.19 21.30
N ASP D 195 11.64 22.59 22.50
CA ASP D 195 11.13 21.22 22.59
C ASP D 195 9.85 21.04 21.78
N ASP D 196 8.98 22.05 21.77
CA ASP D 196 7.71 21.92 21.07
C ASP D 196 7.90 21.77 19.57
N GLU D 197 9.04 22.22 19.03
CA GLU D 197 9.30 22.14 17.60
C GLU D 197 9.95 20.83 17.19
N VAL D 198 10.33 19.98 18.15
CA VAL D 198 11.09 18.78 17.80
C VAL D 198 10.20 17.75 17.12
N PHE D 199 8.90 17.73 17.44
CA PHE D 199 8.00 16.79 16.76
C PHE D 199 8.02 17.02 15.25
N THR D 200 7.84 18.28 14.84
CA THR D 200 7.90 18.59 13.41
C THR D 200 9.29 18.33 12.84
N PHE D 201 10.34 18.63 13.61
CA PHE D 201 11.70 18.33 13.16
C PHE D 201 11.88 16.85 12.87
N ALA D 202 11.38 15.97 13.76
CA ALA D 202 11.50 14.53 13.51
C ALA D 202 10.71 14.12 12.27
N LYS D 203 9.53 14.72 12.08
CA LYS D 203 8.76 14.46 10.87
C LYS D 203 9.55 14.83 9.62
N LYS D 204 10.15 16.02 9.60
CA LYS D 204 10.89 16.47 8.43
C LYS D 204 12.13 15.63 8.19
N LEU D 205 12.79 15.15 9.25
CA LEU D 205 13.92 14.26 9.11
C LEU D 205 13.51 12.87 8.68
N ALA D 206 12.23 12.52 8.83
CA ALA D 206 11.75 11.16 8.69
C ALA D 206 12.60 10.20 9.54
N ALA D 207 12.86 10.61 10.78
CA ALA D 207 13.62 9.87 11.76
C ALA D 207 12.77 9.62 13.01
N PRO D 208 13.08 8.58 13.80
CA PRO D 208 12.24 8.27 14.98
C PRO D 208 12.38 9.35 16.06
N TYR D 209 11.23 9.88 16.48
CA TYR D 209 11.22 10.96 17.48
C TYR D 209 12.00 10.60 18.73
N ASP D 210 11.84 9.37 19.23
CA ASP D 210 12.51 9.01 20.49
C ASP D 210 14.03 9.11 20.34
N LEU D 211 14.56 8.71 19.19
N LEU D 211 14.57 8.68 19.19
CA LEU D 211 15.99 8.79 18.95
CA LEU D 211 16.00 8.80 18.95
C LEU D 211 16.45 10.22 18.68
C LEU D 211 16.43 10.25 18.74
N VAL D 212 15.58 11.04 18.09
CA VAL D 212 15.86 12.47 17.95
C VAL D 212 16.01 13.10 19.34
N MET D 213 15.09 12.80 20.25
N MET D 213 15.10 12.79 20.25
CA MET D 213 15.16 13.37 21.59
CA MET D 213 15.17 13.38 21.59
C MET D 213 16.37 12.84 22.36
C MET D 213 16.36 12.84 22.37
N GLN D 214 16.71 11.56 22.19
CA GLN D 214 17.91 11.02 22.84
C GLN D 214 19.15 11.77 22.38
N THR D 215 19.23 12.05 21.08
CA THR D 215 20.35 12.81 20.53
C THR D 215 20.37 14.24 21.08
N LYS D 216 19.20 14.85 21.22
N LYS D 216 19.20 14.86 21.22
CA LYS D 216 19.13 16.20 21.78
CA LYS D 216 19.13 16.20 21.79
C LYS D 216 19.65 16.25 23.21
C LYS D 216 19.69 16.22 23.20
N GLN D 217 19.27 15.26 24.03
CA GLN D 217 19.70 15.25 25.43
C GLN D 217 21.18 14.92 25.54
N LEU D 218 21.66 13.96 24.74
CA LEU D 218 23.05 13.57 24.80
C LEU D 218 23.96 14.67 24.27
N GLY D 219 23.50 15.40 23.27
CA GLY D 219 24.28 16.46 22.65
C GLY D 219 25.22 15.99 21.57
N ARG D 220 25.13 14.73 21.17
CA ARG D 220 25.94 14.17 20.10
C ARG D 220 25.23 12.92 19.61
N LEU D 221 25.77 12.32 18.56
CA LEU D 221 25.19 11.09 18.06
C LEU D 221 25.31 10.01 19.13
N PRO D 222 24.28 9.18 19.34
CA PRO D 222 24.35 8.18 20.42
C PRO D 222 25.24 6.99 20.14
N VAL D 223 25.94 6.98 19.00
CA VAL D 223 26.94 5.96 18.69
C VAL D 223 28.20 6.65 18.21
N VAL D 224 29.29 5.88 18.16
N VAL D 224 29.29 5.89 18.13
CA VAL D 224 30.56 6.35 17.60
CA VAL D 224 30.56 6.42 17.64
C VAL D 224 30.34 6.83 16.16
C VAL D 224 30.42 6.78 16.16
N GLN D 225 31.03 7.91 15.78
CA GLN D 225 30.84 8.53 14.48
C GLN D 225 32.20 8.74 13.81
N PHE D 226 32.46 8.02 12.72
CA PHE D 226 33.73 8.08 12.02
C PHE D 226 33.57 8.79 10.68
N ALA D 227 34.66 9.38 10.20
CA ALA D 227 34.70 9.86 8.82
C ALA D 227 35.14 8.74 7.89
N ALA D 228 34.57 8.73 6.68
CA ALA D 228 34.95 7.75 5.67
C ALA D 228 34.59 8.28 4.28
N GLY D 229 35.35 7.82 3.29
CA GLY D 229 35.07 8.19 1.91
C GLY D 229 35.86 9.39 1.46
N GLY D 230 37.08 9.16 0.97
CA GLY D 230 37.90 10.23 0.44
C GLY D 230 39.00 10.74 1.36
N VAL D 231 39.22 10.10 2.51
CA VAL D 231 40.26 10.53 3.44
C VAL D 231 41.60 10.07 2.87
N ALA D 232 42.37 10.99 2.30
CA ALA D 232 43.54 10.63 1.50
C ALA D 232 44.87 11.01 2.13
N THR D 233 44.95 12.12 2.85
CA THR D 233 46.21 12.61 3.40
C THR D 233 46.12 12.75 4.91
N PRO D 234 47.25 12.87 5.60
CA PRO D 234 47.20 13.24 7.03
C PRO D 234 46.39 14.50 7.29
N ALA D 235 46.52 15.52 6.44
CA ALA D 235 45.73 16.74 6.61
C ALA D 235 44.23 16.43 6.56
N ASP D 236 43.79 15.59 5.61
CA ASP D 236 42.39 15.19 5.56
C ASP D 236 41.96 14.52 6.86
N ALA D 237 42.78 13.60 7.38
CA ALA D 237 42.39 12.86 8.58
C ALA D 237 42.28 13.79 9.77
N ALA D 238 43.24 14.70 9.94
CA ALA D 238 43.15 15.65 11.04
C ALA D 238 41.99 16.62 10.86
N LEU D 239 41.66 16.98 9.62
CA LEU D 239 40.49 17.84 9.37
C LEU D 239 39.22 17.19 9.89
N MET D 240 39.03 15.90 9.60
CA MET D 240 37.84 15.21 10.07
C MET D 240 37.79 15.19 11.60
N MET D 241 38.94 14.98 12.25
CA MET D 241 38.96 14.97 13.71
C MET D 241 38.66 16.36 14.27
N GLN D 242 39.20 17.40 13.64
CA GLN D 242 38.91 18.75 14.13
C GLN D 242 37.45 19.13 13.91
N LEU D 243 36.82 18.57 12.87
CA LEU D 243 35.38 18.77 12.65
C LEU D 243 34.53 18.03 13.66
N GLY D 244 35.09 17.09 14.42
CA GLY D 244 34.37 16.45 15.51
C GLY D 244 34.23 14.95 15.41
N CYS D 245 34.83 14.29 14.41
CA CYS D 245 34.66 12.84 14.29
C CYS D 245 35.45 12.11 15.38
N ASP D 246 35.07 10.86 15.62
CA ASP D 246 35.73 10.01 16.61
C ASP D 246 36.89 9.21 16.04
N GLY D 247 37.06 9.20 14.72
CA GLY D 247 38.07 8.41 14.06
C GLY D 247 37.83 8.47 12.57
N VAL D 248 38.66 7.74 11.82
CA VAL D 248 38.56 7.73 10.36
C VAL D 248 38.76 6.32 9.80
N PHE D 249 38.12 6.06 8.65
CA PHE D 249 38.44 4.92 7.80
C PHE D 249 39.30 5.42 6.65
N VAL D 250 40.29 4.62 6.24
CA VAL D 250 41.10 4.91 5.07
C VAL D 250 41.19 3.68 4.18
N GLY D 251 41.36 3.91 2.88
CA GLY D 251 41.30 2.88 1.88
C GLY D 251 42.65 2.33 1.48
N SER D 252 42.67 1.64 0.33
CA SER D 252 43.86 0.94 -0.14
C SER D 252 44.95 1.86 -0.66
N GLY D 253 44.73 3.17 -0.72
CA GLY D 253 45.78 4.09 -1.12
C GLY D 253 47.02 4.00 -0.25
N ILE D 254 46.85 3.54 1.00
CA ILE D 254 47.99 3.34 1.90
C ILE D 254 49.00 2.38 1.28
N PHE D 255 48.51 1.29 0.69
CA PHE D 255 49.36 0.23 0.19
C PHE D 255 49.70 0.36 -1.30
N LYS D 256 49.15 1.37 -1.97
N LYS D 256 49.21 1.41 -1.97
CA LYS D 256 49.48 1.65 -3.37
CA LYS D 256 49.47 1.62 -3.38
C LYS D 256 50.60 2.67 -3.50
C LYS D 256 50.57 2.65 -3.63
N SER D 257 51.51 2.73 -2.52
N SER D 257 51.64 2.64 -2.82
CA SER D 257 52.60 3.69 -2.52
CA SER D 257 52.74 3.55 -3.02
C SER D 257 53.93 3.00 -2.27
C SER D 257 54.01 2.91 -2.43
N GLY D 258 54.98 3.79 -2.05
N GLY D 258 55.04 3.74 -2.22
CA GLY D 258 56.31 3.25 -1.88
CA GLY D 258 56.36 3.25 -1.87
C GLY D 258 56.55 2.62 -0.52
C GLY D 258 56.49 2.59 -0.51
N ASP D 259 56.19 3.34 0.55
CA ASP D 259 56.43 2.89 1.92
C ASP D 259 55.10 2.76 2.64
N PRO D 260 54.42 1.61 2.54
CA PRO D 260 53.09 1.48 3.17
C PRO D 260 53.11 1.65 4.68
N ALA D 261 54.10 1.06 5.36
CA ALA D 261 54.16 1.21 6.83
C ALA D 261 54.28 2.67 7.22
N ARG D 262 55.06 3.45 6.47
CA ARG D 262 55.20 4.86 6.78
C ARG D 262 53.89 5.61 6.54
N ARG D 263 53.21 5.33 5.43
N ARG D 263 53.21 5.32 5.44
CA ARG D 263 51.97 6.04 5.15
CA ARG D 263 51.96 6.01 5.12
C ARG D 263 50.88 5.66 6.15
C ARG D 263 50.86 5.65 6.10
N ALA D 264 50.83 4.39 6.55
CA ALA D 264 49.85 3.98 7.56
C ALA D 264 50.14 4.66 8.89
N ARG D 265 51.42 4.71 9.29
N ARG D 265 51.41 4.69 9.30
CA ARG D 265 51.77 5.37 10.55
CA ARG D 265 51.78 5.38 10.55
C ARG D 265 51.45 6.85 10.51
C ARG D 265 51.39 6.85 10.49
N ALA D 266 51.57 7.49 9.34
CA ALA D 266 51.29 8.91 9.23
C ALA D 266 49.83 9.22 9.50
N ILE D 267 48.91 8.39 8.98
CA ILE D 267 47.49 8.61 9.24
C ILE D 267 47.18 8.37 10.71
N VAL D 268 47.75 7.30 11.29
CA VAL D 268 47.53 7.02 12.71
C VAL D 268 47.97 8.20 13.56
N GLN D 269 49.17 8.73 13.28
N GLN D 269 49.17 8.73 13.28
CA GLN D 269 49.68 9.85 14.05
CA GLN D 269 49.68 9.85 14.07
C GLN D 269 48.86 11.11 13.82
C GLN D 269 48.87 11.13 13.82
N ALA D 270 48.37 11.32 12.60
CA ALA D 270 47.53 12.48 12.33
C ALA D 270 46.25 12.44 13.13
N VAL D 271 45.71 11.26 13.37
CA VAL D 271 44.47 11.15 14.15
C VAL D 271 44.76 11.28 15.64
N THR D 272 45.87 10.72 16.10
CA THR D 272 46.22 10.82 17.51
C THR D 272 46.62 12.24 17.88
N HIS D 273 47.28 12.95 16.97
CA HIS D 273 47.82 14.28 17.23
C HIS D 273 47.17 15.34 16.34
N TYR D 274 45.85 15.28 16.19
CA TYR D 274 45.18 16.07 15.16
C TYR D 274 45.24 17.57 15.41
N SER D 275 45.53 18.02 16.63
N SER D 275 45.54 18.01 16.62
CA SER D 275 45.61 19.44 16.92
CA SER D 275 45.61 19.44 16.95
C SER D 275 47.05 19.94 17.01
C SER D 275 47.04 19.97 16.93
N ASP D 276 48.00 19.16 16.52
CA ASP D 276 49.42 19.54 16.58
C ASP D 276 49.97 19.78 15.18
N PRO D 277 50.00 21.03 14.69
CA PRO D 277 50.49 21.28 13.33
C PRO D 277 51.93 20.83 13.11
N GLU D 278 52.79 20.91 14.14
CA GLU D 278 54.16 20.46 13.98
C GLU D 278 54.22 18.96 13.69
N MET D 279 53.40 18.17 14.38
CA MET D 279 53.35 16.74 14.08
C MET D 279 52.80 16.49 12.69
N LEU D 280 51.77 17.26 12.29
CA LEU D 280 51.18 17.07 10.97
C LEU D 280 52.20 17.40 9.87
N VAL D 281 53.04 18.41 10.09
CA VAL D 281 54.11 18.70 9.15
C VAL D 281 55.07 17.52 9.06
N GLU D 282 55.48 17.00 10.22
N GLU D 282 55.49 16.99 10.22
CA GLU D 282 56.49 15.94 10.27
CA GLU D 282 56.52 15.95 10.23
C GLU D 282 56.04 14.71 9.50
C GLU D 282 56.04 14.70 9.49
N VAL D 283 54.80 14.27 9.74
CA VAL D 283 54.32 13.06 9.07
C VAL D 283 54.02 13.29 7.60
N SER D 284 53.74 14.53 7.21
CA SER D 284 53.43 14.83 5.82
C SER D 284 54.68 15.08 4.97
N CYS D 285 55.79 15.47 5.59
CA CYS D 285 56.98 15.90 4.86
C CYS D 285 57.61 14.73 4.14
N GLY D 286 57.69 14.81 2.82
CA GLY D 286 58.26 13.75 2.01
C GLY D 286 57.34 12.57 1.81
N LEU D 287 56.08 12.67 2.22
CA LEU D 287 55.14 11.57 2.10
C LEU D 287 54.60 11.48 0.68
N1 PLP E . -2.02 21.39 9.29
C2 PLP E . -3.37 21.46 9.09
C2A PLP E . -4.02 22.74 8.64
C3 PLP E . -4.21 20.27 9.34
O3 PLP E . -5.55 20.34 9.14
C4 PLP E . -3.54 19.04 9.77
C4A PLP E . -4.32 17.81 10.06
C5 PLP E . -2.08 19.09 9.96
C6 PLP E . -1.40 20.28 9.69
C5A PLP E . -1.34 17.85 10.41
O4P PLP E . 0.00 18.23 10.75
P PLP E . 1.23 17.28 10.37
O1P PLP E . 1.45 17.30 8.87
O2P PLP E . 2.44 17.80 11.11
O3P PLP E . 0.89 15.86 10.82
C1 GOL F . -18.77 17.55 15.25
O1 GOL F . -19.22 17.38 13.92
C2 GOL F . -17.25 17.57 15.26
O2 GOL F . -16.78 18.58 14.40
C3 GOL F . -16.71 17.76 16.68
O3 GOL F . -17.06 19.02 17.23
C1 GOL G . 14.35 -14.11 8.43
O1 GOL G . 15.23 -14.36 7.38
C2 GOL G . 14.78 -12.84 9.15
O2 GOL G . 15.65 -13.19 10.20
C3 GOL G . 15.53 -11.94 8.16
O3 GOL G . 15.81 -10.73 8.81
N1 PLP H . -17.18 6.38 -8.91
C2 PLP H . -18.22 7.15 -9.35
C2A PLP H . -18.46 8.52 -8.76
C3 PLP H . -19.13 6.66 -10.40
O3 PLP H . -20.16 7.44 -10.84
C4 PLP H . -18.87 5.33 -10.97
C4A PLP H . -19.76 4.75 -12.02
C5 PLP H . -17.74 4.56 -10.42
C6 PLP H . -16.94 5.14 -9.42
C5A PLP H . -17.42 3.18 -10.96
O4P PLP H . -16.42 2.58 -10.13
P PLP H . -15.24 1.68 -10.73
O1P PLP H . -14.24 2.61 -11.42
O2P PLP H . -14.60 0.99 -9.54
O3P PLP H . -15.86 0.70 -11.69
C1 GOL I . -34.73 7.93 -13.38
O1 GOL I . -34.41 8.79 -14.46
C2 GOL I . -33.47 7.19 -12.96
O2 GOL I . -32.53 8.11 -12.45
C3 GOL I . -33.79 6.13 -11.89
O3 GOL I . -34.29 6.73 -10.72
C1 GOL J . -3.79 -22.02 -32.73
O1 GOL J . -4.56 -23.05 -33.30
C2 GOL J . -4.46 -21.57 -31.43
O2 GOL J . -5.44 -22.49 -31.01
C3 GOL J . -3.39 -21.40 -30.36
O3 GOL J . -4.04 -21.19 -29.13
N1 PLP K . 5.54 -7.92 -21.87
C2 PLP K . 6.86 -8.13 -21.60
C2A PLP K . 7.93 -7.78 -22.59
C3 PLP K . 7.26 -8.70 -20.29
O3 PLP K . 8.56 -8.92 -19.99
C4 PLP K . 6.18 -9.02 -19.33
C4A PLP K . 6.50 -9.62 -18.01
C5 PLP K . 4.79 -8.77 -19.75
C6 PLP K . 4.55 -8.21 -21.02
C5A PLP K . 3.64 -9.07 -18.82
O4P PLP K . 2.41 -8.99 -19.55
P PLP K . 1.08 -8.38 -18.89
O1P PLP K . 0.89 -9.04 -17.54
O2P PLP K . -0.07 -8.68 -19.85
O3P PLP K . 1.28 -6.88 -18.76
C1 GOL L . -19.73 -4.73 7.95
O1 GOL L . -20.94 -4.94 8.64
C2 GOL L . -19.79 -5.53 6.67
O2 GOL L . -18.57 -6.18 6.41
C3 GOL L . -20.11 -4.60 5.51
O3 GOL L . -19.97 -5.32 4.31
C1 GOL M . 18.42 -18.68 -14.99
O1 GOL M . 19.03 -17.57 -14.37
C2 GOL M . 17.05 -18.27 -15.54
O2 GOL M . 17.21 -17.36 -16.60
C3 GOL M . 16.28 -19.50 -16.00
O3 GOL M . 16.83 -20.00 -17.20
N1 PLP N . 19.84 3.72 -0.63
C2 PLP N . 21.11 3.91 -1.05
C2A PLP N . 21.55 3.41 -2.40
C3 PLP N . 22.08 4.63 -0.19
O3 PLP N . 23.36 4.82 -0.61
C4 PLP N . 21.60 5.12 1.11
C4A PLP N . 22.51 5.82 2.04
C5 PLP N . 20.20 4.84 1.47
C6 PLP N . 19.38 4.16 0.57
C5A PLP N . 19.65 5.30 2.79
O4P PLP N . 18.34 4.74 2.95
P PLP N . 17.14 5.57 3.62
O1P PLP N . 17.65 6.22 4.88
O2P PLP N . 16.03 4.58 3.92
O3P PLP N . 16.69 6.60 2.61
C1 GOL O . 5.94 27.86 26.90
O1 GOL O . 4.83 28.10 27.74
C2 GOL O . 5.94 26.40 26.43
O2 GOL O . 6.23 25.55 27.52
C3 GOL O . 4.60 26.01 25.82
O3 GOL O . 4.67 24.66 25.46
C1 GOL P . 37.60 3.22 3.23
O1 GOL P . 37.82 4.35 2.42
C2 GOL P . 36.10 3.05 3.47
O2 GOL P . 35.43 2.82 2.25
C3 GOL P . 35.83 1.92 4.46
O3 GOL P . 36.19 0.67 3.89
#